data_3NBQ
#
_entry.id   3NBQ
#
_cell.length_a   61.317
_cell.length_b   85.281
_cell.length_c   260.581
_cell.angle_alpha   90.000
_cell.angle_beta   90.000
_cell.angle_gamma   90.000
#
_symmetry.space_group_name_H-M   'P 21 21 21'
#
loop_
_entity.id
_entity.type
_entity.pdbx_description
1 polymer 'Uridine phosphorylase 1'
2 non-polymer 5-FLUOROURACIL
3 water water
#
_entity_poly.entity_id   1
_entity_poly.type   'polypeptide(L)'
_entity_poly.pdbx_seq_one_letter_code
;MRGSHHHHHHGSPGLQEFMAATGANAEKAESHNDCPVRLLNPNIAKMKEDILYHFNLTTSRHNFPALFGDVKFVCVGGSP
SRMKAFIRCVGAELGLDCPGRDYPNICAGTDRYAMYKVGPVLSVSHGMGIPSISIMLHELIKLLYYARCSNVTIIRIGTS
GGIGLEPGTVVITEQAVDTCFKAEFEQIVLGKRVIRKTDLNKKLVQELLLCSAELSEFTTVVGNTMCTLDFYEGQGRLDG
ALCSYTEKDKQAYLEAAYAAGVRNIEMESSVFAAMCSACGLQAAVVCVTLLNRLEGDQISSPRNVLSEYQQRPQRLVSYF
IKKKLSKA
;
_entity_poly.pdbx_strand_id   A,B,C,D
#
# COMPACT_ATOMS: atom_id res chain seq x y z
N ASP A 34 19.52 11.25 -16.96
CA ASP A 34 19.40 12.15 -15.76
C ASP A 34 20.42 11.80 -14.67
N CYS A 35 20.24 10.64 -14.02
CA CYS A 35 21.16 10.20 -12.98
C CYS A 35 22.00 8.99 -13.43
N PRO A 36 23.29 9.24 -13.73
CA PRO A 36 24.15 8.19 -14.28
C PRO A 36 24.58 7.15 -13.22
N VAL A 37 24.81 5.93 -13.69
CA VAL A 37 25.46 4.91 -12.89
C VAL A 37 26.93 5.32 -12.81
N ARG A 38 27.44 5.41 -11.59
CA ARG A 38 28.80 5.83 -11.32
C ARG A 38 29.59 4.76 -10.56
N LEU A 39 30.92 4.79 -10.68
CA LEU A 39 31.80 3.97 -9.86
C LEU A 39 32.49 4.85 -8.83
N LEU A 40 32.85 4.30 -7.68
CA LEU A 40 33.64 5.03 -6.68
C LEU A 40 35.08 4.47 -6.63
N ASN A 41 35.72 4.53 -7.80
CA ASN A 41 37.04 3.93 -8.04
C ASN A 41 37.83 4.67 -9.15
N PRO A 42 38.88 5.43 -8.78
CA PRO A 42 39.72 6.18 -9.74
C PRO A 42 40.50 5.32 -10.75
N ASN A 43 40.82 4.09 -10.35
CA ASN A 43 41.69 3.19 -11.11
C ASN A 43 41.08 2.66 -12.42
N ILE A 44 39.79 2.89 -12.60
CA ILE A 44 39.02 2.31 -13.73
C ILE A 44 39.24 3.01 -15.08
N ALA A 45 39.41 4.33 -15.03
CA ALA A 45 39.68 5.13 -16.24
C ALA A 45 41.07 4.86 -16.81
N LYS A 46 42.06 4.68 -15.91
CA LYS A 46 43.42 4.27 -16.29
C LYS A 46 43.50 2.91 -17.00
N MET A 47 42.56 2.01 -16.70
CA MET A 47 42.56 0.66 -17.25
C MET A 47 42.30 0.66 -18.74
N LYS A 48 43.06 -0.16 -19.47
CA LYS A 48 42.90 -0.27 -20.90
C LYS A 48 41.83 -1.28 -21.28
N GLU A 49 41.79 -2.43 -20.59
CA GLU A 49 40.66 -3.35 -20.73
C GLU A 49 40.16 -3.88 -19.40
N ASP A 50 38.87 -4.25 -19.36
CA ASP A 50 38.30 -4.84 -18.13
C ASP A 50 37.62 -6.18 -18.40
N ILE A 51 38.14 -7.22 -17.73
CA ILE A 51 37.54 -8.54 -17.76
C ILE A 51 36.56 -8.68 -16.59
N LEU A 52 35.29 -8.87 -16.90
CA LEU A 52 34.32 -9.17 -15.85
C LEU A 52 34.35 -10.69 -15.68
N TYR A 53 35.36 -11.14 -14.94
CA TYR A 53 35.69 -12.56 -14.79
C TYR A 53 34.46 -13.45 -14.55
N HIS A 54 33.60 -13.08 -13.60
CA HIS A 54 32.49 -13.93 -13.23
C HIS A 54 31.29 -13.93 -14.20
N PHE A 55 31.23 -12.94 -15.07
CA PHE A 55 30.19 -12.83 -16.10
C PHE A 55 30.65 -13.41 -17.43
N ASN A 56 31.98 -13.47 -17.62
CA ASN A 56 32.60 -13.85 -18.90
C ASN A 56 32.28 -12.78 -19.95
N LEU A 57 32.42 -11.54 -19.52
CA LEU A 57 32.20 -10.37 -20.35
C LEU A 57 33.44 -9.53 -20.18
N THR A 58 33.90 -8.97 -21.30
CA THR A 58 35.10 -8.13 -21.29
C THR A 58 34.89 -6.97 -22.26
N THR A 59 35.40 -5.80 -21.88
CA THR A 59 35.37 -4.62 -22.73
C THR A 59 35.99 -4.86 -24.12
N SER A 60 37.01 -5.71 -24.20
CA SER A 60 37.69 -5.95 -25.46
C SER A 60 36.89 -6.83 -26.43
N ARG A 61 35.96 -7.63 -25.92
CA ARG A 61 35.12 -8.49 -26.75
C ARG A 61 33.69 -7.98 -26.89
N HIS A 62 33.27 -7.08 -26.01
CA HIS A 62 31.85 -6.72 -25.93
C HIS A 62 31.57 -5.24 -26.04
N ASN A 63 30.47 -4.94 -26.74
CA ASN A 63 29.94 -3.59 -26.87
C ASN A 63 28.95 -3.36 -25.74
N PHE A 64 29.38 -2.69 -24.68
CA PHE A 64 28.53 -2.56 -23.49
C PHE A 64 27.34 -1.60 -23.67
N PRO A 65 27.55 -0.42 -24.31
CA PRO A 65 26.39 0.43 -24.62
C PRO A 65 25.36 -0.24 -25.53
N ALA A 66 25.83 -0.92 -26.57
CA ALA A 66 24.92 -1.58 -27.52
C ALA A 66 24.18 -2.76 -26.89
N LEU A 67 24.85 -3.43 -25.97
CA LEU A 67 24.27 -4.59 -25.30
C LEU A 67 23.27 -4.17 -24.23
N PHE A 68 23.57 -3.12 -23.46
CA PHE A 68 22.90 -2.87 -22.19
C PHE A 68 22.52 -1.41 -21.95
N GLY A 69 22.84 -0.54 -22.90
CA GLY A 69 22.58 0.91 -22.75
C GLY A 69 21.14 1.25 -22.39
N ASP A 70 20.21 0.46 -22.92
CA ASP A 70 18.78 0.72 -22.74
C ASP A 70 18.15 0.17 -21.43
N VAL A 71 18.98 -0.40 -20.54
CA VAL A 71 18.50 -0.99 -19.26
C VAL A 71 18.14 0.09 -18.23
N LYS A 72 16.93 -0.02 -17.70
CA LYS A 72 16.39 0.93 -16.71
C LYS A 72 16.04 0.24 -15.42
N PHE A 73 15.79 -1.07 -15.50
CA PHE A 73 15.39 -1.84 -14.33
C PHE A 73 16.21 -3.11 -14.30
N VAL A 74 16.79 -3.39 -13.14
CA VAL A 74 17.47 -4.65 -12.91
C VAL A 74 16.76 -5.34 -11.76
N CYS A 75 16.43 -6.60 -11.98
CA CYS A 75 15.91 -7.43 -10.92
C CYS A 75 16.96 -8.48 -10.62
N VAL A 76 17.33 -8.61 -9.35
CA VAL A 76 18.31 -9.63 -8.92
C VAL A 76 17.71 -10.64 -7.93
N GLY A 77 18.16 -11.88 -8.00
CA GLY A 77 17.72 -12.96 -7.09
C GLY A 77 18.64 -14.17 -7.12
N GLY A 78 18.42 -15.13 -6.22
CA GLY A 78 19.37 -16.22 -5.98
C GLY A 78 19.61 -17.19 -7.12
N SER A 79 18.51 -17.68 -7.69
CA SER A 79 18.57 -18.79 -8.63
C SER A 79 18.48 -18.35 -10.11
N PRO A 80 19.32 -18.94 -11.00
CA PRO A 80 19.22 -18.73 -12.45
C PRO A 80 17.81 -18.98 -13.02
N SER A 81 17.21 -20.11 -12.66
CA SER A 81 15.87 -20.45 -13.13
C SER A 81 14.75 -19.53 -12.58
N ARG A 82 14.84 -19.12 -11.31
CA ARG A 82 13.96 -18.04 -10.82
C ARG A 82 14.14 -16.74 -11.63
N MET A 83 15.37 -16.40 -12.00
CA MET A 83 15.60 -15.17 -12.75
C MET A 83 15.25 -15.26 -14.24
N LYS A 84 15.33 -16.45 -14.82
CA LYS A 84 14.75 -16.65 -16.14
C LYS A 84 13.21 -16.54 -16.10
N ALA A 85 12.58 -17.26 -15.16
CA ALA A 85 11.13 -17.18 -14.96
C ALA A 85 10.69 -15.75 -14.80
N PHE A 86 11.52 -14.92 -14.18
CA PHE A 86 11.21 -13.51 -14.00
C PHE A 86 11.23 -12.71 -15.28
N ILE A 87 12.27 -12.91 -16.10
CA ILE A 87 12.36 -12.22 -17.38
C ILE A 87 11.16 -12.59 -18.27
N ARG A 88 10.80 -13.87 -18.31
CA ARG A 88 9.60 -14.33 -19.03
C ARG A 88 8.32 -13.63 -18.55
N CYS A 89 8.21 -13.46 -17.24
CA CYS A 89 7.02 -12.92 -16.62
C CYS A 89 6.88 -11.44 -16.90
N VAL A 90 7.99 -10.71 -16.79
CA VAL A 90 7.94 -9.29 -17.06
C VAL A 90 7.85 -9.03 -18.57
N GLY A 91 8.44 -9.93 -19.37
CA GLY A 91 8.28 -9.91 -20.82
C GLY A 91 6.81 -9.97 -21.19
N ALA A 92 6.12 -11.02 -20.75
CA ALA A 92 4.66 -11.16 -20.90
C ALA A 92 3.87 -9.91 -20.48
N GLU A 93 4.20 -9.40 -19.29
CA GLU A 93 3.56 -8.23 -18.69
C GLU A 93 3.69 -7.00 -19.55
N LEU A 94 4.87 -6.83 -20.12
CA LEU A 94 5.19 -5.69 -20.96
C LEU A 94 4.67 -5.84 -22.40
N GLY A 95 4.20 -7.05 -22.73
CA GLY A 95 3.63 -7.33 -24.04
C GLY A 95 4.68 -7.56 -25.11
N LEU A 96 5.90 -7.87 -24.68
CA LEU A 96 7.04 -8.17 -25.53
C LEU A 96 7.21 -9.69 -25.63
N ASP A 97 6.14 -10.40 -25.24
CA ASP A 97 6.06 -11.84 -25.24
C ASP A 97 5.68 -12.38 -26.63
N CYS A 98 6.66 -12.55 -27.52
CA CYS A 98 6.32 -13.04 -28.85
C CYS A 98 6.30 -14.58 -28.87
N PRO A 99 5.59 -15.17 -29.86
CA PRO A 99 5.40 -16.62 -29.92
C PRO A 99 6.69 -17.43 -29.89
N GLY A 100 6.68 -18.50 -29.09
CA GLY A 100 7.74 -19.49 -29.12
C GLY A 100 9.01 -19.15 -28.36
N ARG A 101 9.69 -18.09 -28.79
CA ARG A 101 11.11 -17.91 -28.41
C ARG A 101 11.41 -17.50 -26.98
N ASP A 102 12.61 -17.89 -26.55
CA ASP A 102 13.05 -17.68 -25.18
C ASP A 102 14.07 -16.56 -25.00
N TYR A 103 14.79 -16.63 -23.88
CA TYR A 103 15.68 -15.58 -23.48
C TYR A 103 17.05 -16.19 -23.25
N PRO A 104 18.01 -15.88 -24.15
CA PRO A 104 19.36 -16.45 -24.04
C PRO A 104 20.06 -16.03 -22.76
N ASN A 105 20.76 -16.96 -22.11
CA ASN A 105 21.63 -16.60 -21.00
C ASN A 105 22.83 -15.83 -21.52
N ILE A 106 22.89 -14.53 -21.20
CA ILE A 106 23.95 -13.64 -21.64
C ILE A 106 25.32 -14.07 -21.07
N CYS A 107 25.29 -14.78 -19.94
CA CYS A 107 26.49 -15.29 -19.28
C CYS A 107 26.67 -16.78 -19.52
N ALA A 108 26.03 -17.32 -20.55
CA ALA A 108 26.23 -18.73 -20.94
C ALA A 108 27.72 -18.96 -21.20
N GLY A 109 28.20 -20.14 -20.82
CA GLY A 109 29.65 -20.41 -20.83
C GLY A 109 30.32 -20.21 -19.47
N THR A 110 29.60 -19.64 -18.51
CA THR A 110 29.94 -19.76 -17.08
C THR A 110 28.73 -20.29 -16.33
N ASP A 111 28.99 -20.76 -15.11
CA ASP A 111 27.92 -21.20 -14.21
C ASP A 111 27.89 -20.45 -12.89
N ARG A 112 28.57 -19.31 -12.81
CA ARG A 112 28.54 -18.48 -11.60
C ARG A 112 27.21 -17.74 -11.52
N TYR A 113 26.91 -16.96 -12.58
CA TYR A 113 25.70 -16.13 -12.63
C TYR A 113 25.02 -16.30 -13.97
N ALA A 114 23.69 -16.31 -13.97
CA ALA A 114 22.91 -16.28 -15.21
C ALA A 114 22.35 -14.88 -15.38
N MET A 115 22.12 -14.48 -16.63
CA MET A 115 21.70 -13.12 -16.94
C MET A 115 20.81 -13.12 -18.17
N TYR A 116 19.70 -12.39 -18.09
CA TYR A 116 18.68 -12.35 -19.14
C TYR A 116 18.16 -10.94 -19.33
N LYS A 117 17.69 -10.65 -20.54
CA LYS A 117 17.22 -9.31 -20.88
C LYS A 117 15.93 -9.37 -21.69
N VAL A 118 15.01 -8.46 -21.39
CA VAL A 118 13.88 -8.16 -22.26
C VAL A 118 13.69 -6.66 -22.20
N GLY A 119 13.70 -6.05 -23.38
CA GLY A 119 13.66 -4.59 -23.48
C GLY A 119 14.54 -3.94 -22.43
N PRO A 120 13.97 -3.04 -21.62
CA PRO A 120 14.78 -2.25 -20.68
C PRO A 120 14.98 -2.92 -19.32
N VAL A 121 14.64 -4.21 -19.23
CA VAL A 121 14.79 -4.95 -17.98
C VAL A 121 15.90 -6.00 -18.06
N LEU A 122 16.75 -6.00 -17.03
CA LEU A 122 17.79 -7.00 -16.83
C LEU A 122 17.49 -7.87 -15.62
N SER A 123 17.74 -9.17 -15.76
CA SER A 123 17.52 -10.18 -14.72
C SER A 123 18.87 -10.86 -14.45
N VAL A 124 19.38 -10.76 -13.22
CA VAL A 124 20.67 -11.40 -12.88
C VAL A 124 20.56 -12.22 -11.59
N SER A 125 20.89 -13.51 -11.68
CA SER A 125 21.03 -14.33 -10.49
C SER A 125 22.29 -13.96 -9.66
N HIS A 126 22.30 -14.30 -8.37
CA HIS A 126 23.41 -13.96 -7.49
C HIS A 126 23.86 -15.03 -6.48
N GLY A 127 23.31 -16.24 -6.58
CA GLY A 127 23.55 -17.32 -5.60
C GLY A 127 23.23 -16.94 -4.16
N MET A 128 23.90 -17.62 -3.22
CA MET A 128 23.60 -17.47 -1.80
C MET A 128 24.67 -16.74 -0.98
N GLY A 129 24.25 -15.69 -0.27
CA GLY A 129 25.11 -15.01 0.69
C GLY A 129 25.72 -13.71 0.20
N ILE A 130 26.16 -12.89 1.16
CA ILE A 130 26.89 -11.63 0.95
C ILE A 130 27.99 -11.69 -0.13
N PRO A 131 28.98 -12.60 0.02
CA PRO A 131 30.08 -12.67 -0.97
C PRO A 131 29.64 -12.98 -2.39
N SER A 132 28.68 -13.88 -2.55
CA SER A 132 28.22 -14.26 -3.86
C SER A 132 27.60 -13.04 -4.60
N ILE A 133 26.75 -12.30 -3.88
CA ILE A 133 26.06 -11.16 -4.46
C ILE A 133 26.98 -9.95 -4.63
N SER A 134 27.91 -9.73 -3.67
CA SER A 134 28.94 -8.70 -3.81
C SER A 134 29.76 -8.84 -5.09
N ILE A 135 30.18 -10.06 -5.42
CA ILE A 135 30.98 -10.25 -6.63
C ILE A 135 30.13 -9.84 -7.83
N MET A 136 28.88 -10.30 -7.83
CA MET A 136 27.92 -10.02 -8.88
C MET A 136 27.72 -8.49 -8.97
N LEU A 137 27.54 -7.83 -7.83
CA LEU A 137 27.30 -6.38 -7.80
C LEU A 137 28.48 -5.55 -8.28
N HIS A 138 29.71 -5.88 -7.87
CA HIS A 138 30.89 -5.18 -8.37
C HIS A 138 30.93 -5.20 -9.90
N GLU A 139 30.73 -6.39 -10.48
CA GLU A 139 30.80 -6.58 -11.94
C GLU A 139 29.55 -6.10 -12.71
N LEU A 140 28.40 -6.07 -12.02
CA LEU A 140 27.17 -5.59 -12.60
C LEU A 140 27.15 -4.05 -12.70
N ILE A 141 27.51 -3.38 -11.61
CA ILE A 141 27.63 -1.93 -11.59
C ILE A 141 28.64 -1.45 -12.65
N LYS A 142 29.83 -2.05 -12.67
CA LYS A 142 30.82 -1.80 -13.73
C LYS A 142 30.21 -2.03 -15.12
N LEU A 143 29.43 -3.09 -15.28
CA LEU A 143 28.77 -3.37 -16.57
C LEU A 143 27.79 -2.27 -16.97
N LEU A 144 27.08 -1.73 -15.99
CA LEU A 144 26.12 -0.66 -16.24
C LEU A 144 26.85 0.62 -16.57
N TYR A 145 27.97 0.85 -15.89
CA TYR A 145 28.81 1.99 -16.17
C TYR A 145 29.32 2.01 -17.62
N TYR A 146 29.98 0.93 -18.06
CA TYR A 146 30.50 0.83 -19.43
C TYR A 146 29.42 0.96 -20.50
N ALA A 147 28.20 0.54 -20.14
CA ALA A 147 27.03 0.64 -21.00
C ALA A 147 26.42 2.04 -20.99
N ARG A 148 26.94 2.91 -20.13
CA ARG A 148 26.49 4.29 -20.01
C ARG A 148 25.05 4.40 -19.49
N CYS A 149 24.60 3.37 -18.76
CA CYS A 149 23.26 3.36 -18.19
C CYS A 149 23.02 4.53 -17.26
N SER A 150 21.75 4.93 -17.14
CA SER A 150 21.35 6.00 -16.23
C SER A 150 19.91 5.74 -15.82
N ASN A 151 19.51 6.29 -14.68
CA ASN A 151 18.17 6.09 -14.11
C ASN A 151 17.83 4.64 -13.79
N VAL A 152 18.81 3.88 -13.29
CA VAL A 152 18.60 2.45 -13.09
C VAL A 152 17.98 2.15 -11.74
N THR A 153 16.83 1.46 -11.78
CA THR A 153 16.18 0.93 -10.59
C THR A 153 16.56 -0.56 -10.42
N ILE A 154 17.06 -0.93 -9.24
CA ILE A 154 17.49 -2.33 -9.00
C ILE A 154 16.72 -2.94 -7.83
N ILE A 155 16.15 -4.12 -8.06
CA ILE A 155 15.36 -4.79 -7.02
C ILE A 155 15.82 -6.23 -6.76
N ARG A 156 16.01 -6.54 -5.49
CA ARG A 156 16.21 -7.90 -5.06
C ARG A 156 14.85 -8.52 -4.71
N ILE A 157 14.56 -9.65 -5.33
CA ILE A 157 13.46 -10.49 -4.91
C ILE A 157 14.03 -11.80 -4.33
N GLY A 158 13.52 -12.20 -3.17
CA GLY A 158 13.99 -13.42 -2.55
C GLY A 158 13.05 -14.01 -1.55
N THR A 159 13.61 -14.87 -0.72
CA THR A 159 12.92 -15.58 0.34
C THR A 159 13.58 -15.20 1.65
N SER A 160 12.90 -15.51 2.76
CA SER A 160 13.34 -15.02 4.04
C SER A 160 12.57 -15.74 5.11
N GLY A 161 13.02 -15.63 6.35
CA GLY A 161 12.27 -16.22 7.47
C GLY A 161 11.57 -15.04 8.08
N GLY A 162 10.29 -15.22 8.45
CA GLY A 162 9.54 -14.11 9.06
C GLY A 162 9.69 -14.05 10.58
N ILE A 163 9.56 -12.85 11.14
CA ILE A 163 9.42 -12.73 12.58
C ILE A 163 8.04 -12.14 12.91
N GLY A 164 7.12 -12.98 13.38
CA GLY A 164 5.76 -12.52 13.78
C GLY A 164 4.84 -12.27 12.60
N LEU A 165 5.05 -13.01 11.51
CA LEU A 165 4.26 -12.84 10.30
C LEU A 165 3.85 -14.22 9.87
N GLU A 166 2.72 -14.33 9.19
CA GLU A 166 2.30 -15.62 8.69
C GLU A 166 3.16 -15.98 7.47
N PRO A 167 3.48 -17.29 7.31
CA PRO A 167 4.18 -17.75 6.12
C PRO A 167 3.56 -17.21 4.83
N GLY A 168 4.42 -16.79 3.89
CA GLY A 168 3.96 -16.30 2.61
C GLY A 168 3.68 -14.82 2.57
N THR A 169 3.91 -14.11 3.68
CA THR A 169 3.84 -12.64 3.71
C THR A 169 4.97 -12.01 2.87
N VAL A 170 4.64 -10.96 2.12
CA VAL A 170 5.67 -10.23 1.39
C VAL A 170 6.11 -9.04 2.23
N VAL A 171 7.42 -8.87 2.38
CA VAL A 171 8.00 -7.79 3.12
C VAL A 171 8.79 -6.93 2.15
N ILE A 172 8.45 -5.65 2.10
CA ILE A 172 9.25 -4.66 1.42
C ILE A 172 10.19 -4.07 2.45
N THR A 173 11.47 -4.15 2.17
CA THR A 173 12.46 -3.74 3.14
C THR A 173 12.55 -2.22 3.21
N GLU A 174 12.38 -1.71 4.42
CA GLU A 174 12.61 -0.29 4.76
C GLU A 174 14.11 -0.05 4.99
N GLN A 175 14.71 -0.79 5.91
CA GLN A 175 16.16 -0.78 6.09
C GLN A 175 16.72 -2.20 6.17
N ALA A 176 17.80 -2.43 5.43
CA ALA A 176 18.57 -3.64 5.56
C ALA A 176 19.49 -3.49 6.78
N VAL A 177 19.31 -4.37 7.77
CA VAL A 177 20.01 -4.21 9.04
C VAL A 177 20.97 -5.36 9.37
N ASP A 178 21.91 -5.07 10.28
CA ASP A 178 22.85 -6.09 10.71
C ASP A 178 22.31 -6.91 11.88
N THR A 179 23.19 -7.67 12.54
CA THR A 179 22.79 -8.58 13.60
C THR A 179 22.53 -7.89 14.97
N CYS A 180 22.85 -6.61 15.06
CA CYS A 180 22.44 -5.74 16.17
C CYS A 180 21.33 -4.76 15.74
N PHE A 181 20.72 -5.05 14.59
CA PHE A 181 19.52 -4.35 14.08
C PHE A 181 19.79 -2.94 13.57
N LYS A 182 21.03 -2.68 13.14
CA LYS A 182 21.41 -1.34 12.69
C LYS A 182 21.65 -1.29 11.19
N ALA A 183 21.32 -0.15 10.59
CA ALA A 183 21.37 0.01 9.14
C ALA A 183 22.80 0.24 8.64
N GLU A 184 23.65 -0.73 8.94
CA GLU A 184 25.08 -0.67 8.58
C GLU A 184 25.52 -2.00 7.98
N PHE A 185 26.52 -1.90 7.11
CA PHE A 185 27.19 -3.06 6.57
C PHE A 185 28.70 -2.91 6.76
N GLU A 186 29.26 -3.83 7.55
CA GLU A 186 30.67 -3.89 7.84
C GLU A 186 31.36 -4.96 7.02
N GLN A 187 32.43 -4.56 6.35
CA GLN A 187 33.33 -5.47 5.68
C GLN A 187 34.76 -5.14 6.10
N ILE A 188 35.69 -6.05 5.78
CA ILE A 188 37.12 -5.87 6.10
C ILE A 188 37.85 -5.49 4.82
N VAL A 189 38.57 -4.37 4.87
CA VAL A 189 39.35 -3.89 3.73
C VAL A 189 40.81 -3.72 4.19
N LEU A 190 41.71 -4.44 3.53
CA LEU A 190 43.13 -4.53 3.96
C LEU A 190 43.30 -4.73 5.49
N GLY A 191 42.54 -5.68 6.03
CA GLY A 191 42.64 -6.04 7.45
C GLY A 191 41.82 -5.17 8.38
N LYS A 192 41.34 -4.03 7.87
CA LYS A 192 40.59 -3.06 8.69
C LYS A 192 39.08 -3.11 8.51
N ARG A 193 38.34 -2.97 9.61
CA ARG A 193 36.87 -2.89 9.60
C ARG A 193 36.38 -1.57 8.98
N VAL A 194 35.68 -1.68 7.84
CA VAL A 194 35.08 -0.53 7.15
C VAL A 194 33.54 -0.60 7.18
N ILE A 195 32.91 0.33 7.91
CA ILE A 195 31.46 0.40 8.03
C ILE A 195 30.83 1.40 7.05
N ARG A 196 29.95 0.90 6.18
CA ARG A 196 29.13 1.70 5.27
C ARG A 196 27.63 1.65 5.63
N LYS A 197 26.88 2.68 5.23
CA LYS A 197 25.46 2.73 5.51
C LYS A 197 24.68 1.94 4.48
N THR A 198 23.61 1.31 4.95
CA THR A 198 22.67 0.66 4.05
C THR A 198 21.55 1.65 3.69
N ASP A 199 21.32 1.84 2.40
CA ASP A 199 20.32 2.78 1.97
C ASP A 199 19.41 2.23 0.88
N LEU A 200 18.14 2.10 1.24
CA LEU A 200 17.11 1.70 0.31
C LEU A 200 16.14 2.87 0.07
N ASN A 201 15.89 3.13 -1.21
CA ASN A 201 15.09 4.25 -1.67
C ASN A 201 13.67 4.28 -1.09
N LYS A 202 13.38 5.32 -0.31
CA LYS A 202 12.11 5.51 0.40
C LYS A 202 10.92 5.67 -0.53
N LYS A 203 11.11 6.40 -1.62
CA LYS A 203 10.03 6.59 -2.59
C LYS A 203 9.69 5.28 -3.29
N LEU A 204 10.73 4.52 -3.58
CA LEU A 204 10.58 3.21 -4.18
C LEU A 204 9.78 2.24 -3.29
N VAL A 205 10.07 2.23 -2.01
CA VAL A 205 9.27 1.51 -1.02
C VAL A 205 7.76 1.88 -1.11
N GLN A 206 7.46 3.18 -1.23
CA GLN A 206 6.07 3.65 -1.30
C GLN A 206 5.42 3.21 -2.59
N GLU A 207 6.17 3.27 -3.68
CA GLU A 207 5.69 2.81 -4.98
C GLU A 207 5.36 1.34 -5.05
N LEU A 208 6.22 0.50 -4.46
CA LEU A 208 6.01 -0.94 -4.42
C LEU A 208 4.80 -1.29 -3.53
N LEU A 209 4.69 -0.59 -2.40
CA LEU A 209 3.55 -0.73 -1.49
C LEU A 209 2.24 -0.38 -2.19
N LEU A 210 2.27 0.74 -2.92
CA LEU A 210 1.15 1.17 -3.75
C LEU A 210 0.66 0.05 -4.65
N CYS A 211 1.58 -0.51 -5.44
CA CYS A 211 1.28 -1.64 -6.33
C CYS A 211 0.69 -2.83 -5.60
N SER A 212 1.14 -3.05 -4.37
CA SER A 212 0.68 -4.18 -3.59
C SER A 212 -0.77 -4.01 -3.09
N ALA A 213 -1.09 -2.79 -2.66
CA ALA A 213 -2.44 -2.41 -2.31
C ALA A 213 -3.38 -2.52 -3.53
N GLU A 214 -2.89 -2.20 -4.74
CA GLU A 214 -3.69 -2.36 -5.97
C GLU A 214 -3.95 -3.81 -6.30
N LEU A 215 -2.88 -4.60 -6.22
CA LEU A 215 -2.97 -6.03 -6.51
C LEU A 215 -3.84 -6.77 -5.49
N SER A 216 -3.59 -6.52 -4.21
CA SER A 216 -4.39 -7.09 -3.12
C SER A 216 -4.48 -8.62 -3.15
N GLU A 217 -3.40 -9.30 -3.59
CA GLU A 217 -3.36 -10.75 -3.78
C GLU A 217 -2.67 -11.50 -2.63
N PHE A 218 -2.03 -10.75 -1.72
CA PHE A 218 -1.36 -11.33 -0.57
C PHE A 218 -0.96 -10.24 0.43
N THR A 219 -0.84 -10.62 1.70
CA THR A 219 -0.37 -9.72 2.76
C THR A 219 1.01 -9.14 2.43
N THR A 220 1.12 -7.80 2.55
CA THR A 220 2.39 -7.10 2.34
C THR A 220 2.64 -6.17 3.50
N VAL A 221 3.82 -6.28 4.09
CA VAL A 221 4.19 -5.40 5.16
C VAL A 221 5.48 -4.71 4.77
N VAL A 222 5.75 -3.60 5.46
CA VAL A 222 7.00 -2.87 5.35
C VAL A 222 7.70 -3.03 6.70
N GLY A 223 8.99 -3.33 6.69
CA GLY A 223 9.73 -3.45 7.91
C GLY A 223 11.20 -3.62 7.63
N ASN A 224 11.98 -3.84 8.69
CA ASN A 224 13.42 -4.05 8.49
C ASN A 224 13.79 -5.50 8.25
N THR A 225 14.87 -5.69 7.50
CA THR A 225 15.34 -6.99 7.13
C THR A 225 16.75 -7.16 7.70
N MET A 226 16.94 -8.22 8.49
CA MET A 226 18.23 -8.49 9.06
C MET A 226 18.99 -9.44 8.16
N CYS A 227 20.17 -9.02 7.73
CA CYS A 227 21.02 -9.83 6.88
C CYS A 227 22.06 -10.59 7.71
N THR A 228 22.16 -11.90 7.45
CA THR A 228 23.10 -12.77 8.19
C THR A 228 24.03 -13.54 7.26
N LEU A 229 25.15 -14.00 7.83
CA LEU A 229 26.20 -14.75 7.14
C LEU A 229 26.10 -16.27 7.28
N ASP A 230 25.13 -16.72 8.07
CA ASP A 230 24.87 -18.15 8.29
C ASP A 230 23.37 -18.34 8.47
N PHE A 231 22.84 -19.41 7.89
CA PHE A 231 21.40 -19.74 7.89
C PHE A 231 20.96 -20.42 9.19
N TYR A 232 21.88 -21.12 9.86
CA TYR A 232 21.56 -21.89 11.09
C TYR A 232 21.83 -21.08 12.35
N GLU A 233 23.04 -21.19 12.89
CA GLU A 233 23.46 -20.33 14.01
C GLU A 233 23.39 -18.84 13.71
N GLY A 234 23.61 -18.44 12.47
CA GLY A 234 23.53 -17.01 12.08
C GLY A 234 22.13 -16.46 12.24
N GLN A 235 21.15 -17.34 12.23
CA GLN A 235 19.73 -16.95 12.26
C GLN A 235 19.01 -17.52 13.48
N GLY A 236 19.80 -18.05 14.44
CA GLY A 236 19.28 -18.50 15.73
C GLY A 236 18.46 -19.77 15.62
N ARG A 237 18.73 -20.57 14.59
CA ARG A 237 18.08 -21.87 14.45
C ARG A 237 18.73 -22.90 15.40
N LEU A 238 17.93 -23.88 15.81
CA LEU A 238 18.33 -24.98 16.71
C LEU A 238 18.67 -26.28 15.99
N ASP A 239 18.55 -26.28 14.67
CA ASP A 239 18.66 -27.51 13.90
C ASP A 239 19.86 -27.60 12.94
N GLY A 240 20.88 -26.80 13.19
CA GLY A 240 22.12 -26.90 12.43
C GLY A 240 22.96 -28.09 12.89
N ALA A 241 24.15 -28.24 12.34
CA ALA A 241 25.07 -29.28 12.78
C ALA A 241 25.75 -28.79 14.05
N LEU A 242 25.57 -27.49 14.30
CA LEU A 242 26.14 -26.82 15.44
C LEU A 242 25.11 -25.91 16.09
N CYS A 243 25.04 -25.95 17.41
CA CYS A 243 24.16 -25.06 18.20
C CYS A 243 24.56 -25.06 19.66
N SER A 244 25.06 -23.92 20.13
CA SER A 244 25.43 -23.78 21.53
C SER A 244 24.32 -23.23 22.44
N TYR A 245 23.20 -22.82 21.84
CA TYR A 245 22.17 -22.10 22.58
C TYR A 245 20.88 -22.91 22.68
N THR A 246 19.87 -22.32 23.30
CA THR A 246 18.61 -23.02 23.53
C THR A 246 17.44 -22.27 22.90
N GLU A 247 16.30 -22.93 22.82
CA GLU A 247 15.05 -22.31 22.42
C GLU A 247 14.80 -20.93 23.06
N LYS A 248 15.08 -20.81 24.35
CA LYS A 248 14.91 -19.58 25.10
C LYS A 248 15.82 -18.47 24.60
N ASP A 249 17.02 -18.85 24.17
CA ASP A 249 17.99 -17.89 23.67
C ASP A 249 17.56 -17.38 22.30
N LYS A 250 17.21 -18.32 21.43
CA LYS A 250 16.66 -18.02 20.11
C LYS A 250 15.49 -17.04 20.26
N GLN A 251 14.54 -17.41 21.10
CA GLN A 251 13.29 -16.68 21.24
C GLN A 251 13.51 -15.23 21.65
N ALA A 252 14.46 -15.00 22.55
CA ALA A 252 14.74 -13.68 23.09
C ALA A 252 15.45 -12.82 22.08
N TYR A 253 16.26 -13.44 21.25
CA TYR A 253 17.00 -12.72 20.24
C TYR A 253 16.06 -12.29 19.09
N LEU A 254 15.16 -13.19 18.70
CA LEU A 254 14.13 -12.91 17.70
C LEU A 254 13.14 -11.86 18.19
N GLU A 255 12.75 -11.91 19.46
CA GLU A 255 11.94 -10.83 20.08
C GLU A 255 12.68 -9.50 20.06
N ALA A 256 13.94 -9.49 20.45
CA ALA A 256 14.68 -8.22 20.47
C ALA A 256 14.71 -7.58 19.08
N ALA A 257 14.90 -8.42 18.06
CA ALA A 257 14.92 -8.02 16.66
C ALA A 257 13.56 -7.46 16.26
N TYR A 258 12.50 -8.19 16.56
CA TYR A 258 11.13 -7.73 16.31
C TYR A 258 10.87 -6.34 16.91
N ALA A 259 11.29 -6.12 18.15
CA ALA A 259 11.10 -4.82 18.82
C ALA A 259 11.93 -3.71 18.18
N ALA A 260 13.04 -4.08 17.55
CA ALA A 260 13.83 -3.09 16.87
C ALA A 260 13.40 -2.87 15.40
N GLY A 261 12.24 -3.39 15.01
CA GLY A 261 11.74 -3.12 13.66
C GLY A 261 11.84 -4.25 12.65
N VAL A 262 12.56 -5.32 13.00
CA VAL A 262 12.83 -6.45 12.08
C VAL A 262 11.63 -7.38 11.90
N ARG A 263 11.32 -7.68 10.65
CA ARG A 263 10.17 -8.51 10.32
C ARG A 263 10.55 -9.75 9.55
N ASN A 264 11.77 -9.75 9.01
CA ASN A 264 12.29 -10.88 8.26
C ASN A 264 13.81 -10.93 8.25
N ILE A 265 14.33 -12.11 7.93
CA ILE A 265 15.76 -12.39 8.02
C ILE A 265 16.20 -13.05 6.73
N GLU A 266 17.29 -12.58 6.16
CA GLU A 266 17.85 -13.26 5.00
C GLU A 266 19.36 -13.01 4.85
N MET A 267 19.89 -13.11 3.64
CA MET A 267 21.32 -13.32 3.46
C MET A 267 22.00 -12.48 2.40
N GLU A 268 21.25 -11.60 1.73
CA GLU A 268 21.84 -10.74 0.71
C GLU A 268 21.58 -9.23 0.80
N SER A 269 20.60 -8.80 1.60
CA SER A 269 20.13 -7.41 1.58
C SER A 269 21.14 -6.34 2.00
N SER A 270 22.00 -6.66 2.97
CA SER A 270 22.88 -5.63 3.55
C SER A 270 23.97 -5.11 2.61
N VAL A 271 24.74 -5.99 1.97
CA VAL A 271 25.74 -5.55 0.98
C VAL A 271 25.04 -4.93 -0.26
N PHE A 272 23.90 -5.50 -0.64
CA PHE A 272 23.08 -4.96 -1.72
C PHE A 272 22.72 -3.50 -1.42
N ALA A 273 22.14 -3.24 -0.26
CA ALA A 273 21.71 -1.91 0.15
C ALA A 273 22.88 -0.94 0.29
N ALA A 274 24.06 -1.44 0.66
CA ALA A 274 25.24 -0.59 0.82
C ALA A 274 25.96 -0.23 -0.49
N MET A 275 25.79 -1.02 -1.55
CA MET A 275 26.54 -0.80 -2.78
C MET A 275 25.76 -0.05 -3.84
N CYS A 276 24.46 -0.33 -3.92
CA CYS A 276 23.67 0.14 -5.05
C CYS A 276 23.47 1.65 -5.08
N SER A 277 23.03 2.22 -3.96
CA SER A 277 22.75 3.65 -3.89
C SER A 277 24.02 4.47 -4.05
N ALA A 278 25.08 4.05 -3.37
CA ALA A 278 26.39 4.71 -3.44
C ALA A 278 26.90 4.88 -4.87
N CYS A 279 26.48 3.98 -5.76
CA CYS A 279 26.85 4.00 -7.17
C CYS A 279 25.71 4.50 -8.06
N GLY A 280 24.79 5.27 -7.48
CA GLY A 280 23.76 5.95 -8.27
C GLY A 280 22.60 5.11 -8.81
N LEU A 281 22.34 3.97 -8.15
CA LEU A 281 21.15 3.16 -8.47
C LEU A 281 20.11 3.28 -7.35
N GLN A 282 18.82 3.18 -7.71
CA GLN A 282 17.72 3.19 -6.73
C GLN A 282 17.37 1.75 -6.38
N ALA A 283 17.49 1.41 -5.11
CA ALA A 283 17.48 0.02 -4.71
C ALA A 283 16.31 -0.32 -3.79
N ALA A 284 15.82 -1.55 -3.96
CA ALA A 284 14.75 -2.07 -3.14
C ALA A 284 14.99 -3.56 -2.92
N VAL A 285 14.41 -4.09 -1.85
CA VAL A 285 14.43 -5.50 -1.57
C VAL A 285 13.01 -5.96 -1.31
N VAL A 286 12.58 -7.02 -1.99
CA VAL A 286 11.24 -7.56 -1.76
C VAL A 286 11.33 -9.07 -1.55
N CYS A 287 11.09 -9.51 -0.33
CA CYS A 287 11.16 -10.94 0.03
C CYS A 287 9.83 -11.50 0.55
N VAL A 288 9.54 -12.74 0.20
CA VAL A 288 8.44 -13.46 0.82
C VAL A 288 8.99 -14.21 2.04
N THR A 289 8.16 -14.39 3.06
CA THR A 289 8.56 -15.21 4.20
C THR A 289 8.15 -16.65 3.95
N LEU A 290 8.98 -17.60 4.37
CA LEU A 290 8.68 -18.99 4.11
C LEU A 290 8.16 -19.71 5.36
N LEU A 291 8.33 -19.08 6.51
CA LEU A 291 7.90 -19.65 7.78
C LEU A 291 7.91 -18.52 8.77
N ASN A 292 7.32 -18.74 9.93
CA ASN A 292 7.39 -17.80 11.04
C ASN A 292 8.43 -18.31 12.02
N ARG A 293 9.48 -17.55 12.22
CA ARG A 293 10.61 -18.04 13.01
C ARG A 293 10.31 -18.13 14.51
N LEU A 294 9.28 -17.44 14.96
CA LEU A 294 8.84 -17.54 16.35
C LEU A 294 8.26 -18.94 16.60
N GLU A 295 7.86 -19.62 15.53
CA GLU A 295 7.22 -20.93 15.60
C GLU A 295 8.11 -22.11 15.19
N GLY A 296 9.30 -21.83 14.67
CA GLY A 296 10.15 -22.92 14.16
C GLY A 296 11.26 -22.50 13.23
N ASP A 297 12.04 -23.49 12.80
CA ASP A 297 13.25 -23.33 11.99
C ASP A 297 13.16 -24.10 10.68
N GLN A 298 12.58 -25.29 10.75
CA GLN A 298 12.42 -26.19 9.61
C GLN A 298 11.47 -25.59 8.60
N ILE A 299 11.77 -25.80 7.31
CA ILE A 299 10.92 -25.31 6.24
C ILE A 299 10.10 -26.50 5.70
N SER A 300 8.91 -26.66 6.27
CA SER A 300 8.11 -27.89 6.11
C SER A 300 6.84 -27.74 5.28
N SER A 301 6.60 -26.54 4.73
CA SER A 301 5.48 -26.34 3.83
C SER A 301 5.65 -27.24 2.59
N PRO A 302 4.53 -27.78 2.07
CA PRO A 302 4.65 -28.59 0.86
C PRO A 302 5.30 -27.80 -0.26
N ARG A 303 5.98 -28.51 -1.17
CA ARG A 303 6.73 -27.87 -2.24
C ARG A 303 5.85 -26.90 -3.03
N ASN A 304 4.61 -27.31 -3.32
CA ASN A 304 3.70 -26.49 -4.11
C ASN A 304 3.30 -25.18 -3.42
N VAL A 305 3.14 -25.23 -2.10
CA VAL A 305 2.92 -24.04 -1.29
C VAL A 305 4.14 -23.13 -1.37
N LEU A 306 5.33 -23.70 -1.17
CA LEU A 306 6.57 -22.91 -1.25
C LEU A 306 6.75 -22.23 -2.61
N SER A 307 6.31 -22.90 -3.68
CA SER A 307 6.39 -22.35 -5.04
C SER A 307 5.53 -21.13 -5.20
N GLU A 308 4.27 -21.24 -4.77
CA GLU A 308 3.31 -20.15 -4.75
C GLU A 308 3.86 -18.96 -4.00
N TYR A 309 4.42 -19.19 -2.83
CA TYR A 309 5.05 -18.13 -2.06
C TYR A 309 6.10 -17.41 -2.89
N GLN A 310 6.93 -18.18 -3.61
CA GLN A 310 8.09 -17.61 -4.32
C GLN A 310 7.73 -16.81 -5.57
N GLN A 311 6.59 -17.11 -6.17
CA GLN A 311 6.06 -16.28 -7.27
C GLN A 311 5.60 -14.88 -6.81
N ARG A 312 5.36 -14.71 -5.51
CA ARG A 312 4.84 -13.45 -4.97
C ARG A 312 5.71 -12.19 -5.12
N PRO A 313 6.99 -12.24 -4.70
CA PRO A 313 7.82 -11.04 -4.98
C PRO A 313 7.93 -10.73 -6.48
N GLN A 314 8.01 -11.78 -7.29
CA GLN A 314 8.02 -11.70 -8.74
C GLN A 314 6.75 -11.02 -9.33
N ARG A 315 5.58 -11.44 -8.85
CA ARG A 315 4.30 -10.83 -9.20
C ARG A 315 4.33 -9.32 -8.91
N LEU A 316 4.69 -8.94 -7.70
CA LEU A 316 4.71 -7.55 -7.30
C LEU A 316 5.70 -6.69 -8.09
N VAL A 317 6.93 -7.19 -8.25
CA VAL A 317 7.98 -6.45 -8.95
C VAL A 317 7.72 -6.31 -10.46
N SER A 318 7.23 -7.38 -11.09
CA SER A 318 6.98 -7.33 -12.52
C SER A 318 5.78 -6.43 -12.85
N TYR A 319 4.85 -6.33 -11.91
CA TYR A 319 3.71 -5.44 -12.03
C TYR A 319 4.15 -4.01 -11.81
N PHE A 320 5.02 -3.78 -10.82
CA PHE A 320 5.62 -2.47 -10.61
C PHE A 320 6.30 -1.97 -11.90
N ILE A 321 7.05 -2.86 -12.55
CA ILE A 321 7.76 -2.52 -13.77
C ILE A 321 6.82 -2.19 -14.95
N LYS A 322 5.83 -3.06 -15.22
CA LYS A 322 4.78 -2.78 -16.21
C LYS A 322 4.11 -1.42 -15.94
N LYS A 323 3.86 -1.11 -14.67
CA LYS A 323 3.30 0.19 -14.27
C LYS A 323 4.23 1.38 -14.54
N LYS A 324 5.50 1.25 -14.19
CA LYS A 324 6.45 2.35 -14.44
C LYS A 324 6.66 2.64 -15.92
N LEU A 325 6.43 1.61 -16.74
CA LEU A 325 6.64 1.66 -18.20
C LEU A 325 5.34 1.78 -19.02
N SER A 326 4.22 2.00 -18.32
CA SER A 326 2.94 2.26 -18.99
C SER A 326 2.88 3.74 -19.38
N ASP B 34 35.78 -46.12 12.74
CA ASP B 34 36.65 -45.80 13.93
C ASP B 34 36.39 -44.42 14.54
N CYS B 35 36.22 -43.40 13.70
CA CYS B 35 35.89 -42.03 14.17
C CYS B 35 34.61 -41.50 13.52
N PRO B 36 33.49 -41.56 14.25
CA PRO B 36 32.19 -41.20 13.71
C PRO B 36 32.04 -39.69 13.51
N VAL B 37 31.35 -39.31 12.43
CA VAL B 37 30.87 -37.95 12.20
C VAL B 37 29.93 -37.64 13.35
N ARG B 38 30.16 -36.52 14.02
CA ARG B 38 29.33 -36.11 15.16
C ARG B 38 28.77 -34.70 14.99
N LEU B 39 27.60 -34.46 15.57
CA LEU B 39 27.05 -33.11 15.60
C LEU B 39 27.38 -32.50 16.95
N LEU B 40 27.40 -31.18 17.02
CA LEU B 40 27.60 -30.48 18.28
C LEU B 40 26.35 -29.65 18.55
N ASN B 41 25.24 -30.35 18.74
CA ASN B 41 23.92 -29.75 18.79
C ASN B 41 22.95 -30.68 19.52
N PRO B 42 22.56 -30.32 20.77
CA PRO B 42 21.66 -31.13 21.63
C PRO B 42 20.18 -31.09 21.23
N ASN B 43 19.86 -30.39 20.14
CA ASN B 43 18.46 -30.17 19.75
C ASN B 43 17.99 -31.14 18.67
N ILE B 44 18.93 -31.91 18.14
CA ILE B 44 18.65 -32.79 17.01
C ILE B 44 17.93 -34.09 17.40
N ALA B 45 18.24 -34.61 18.57
CA ALA B 45 17.70 -35.90 19.03
C ALA B 45 16.16 -35.92 19.16
N LYS B 46 15.57 -34.79 19.55
CA LYS B 46 14.12 -34.75 19.76
C LYS B 46 13.30 -34.52 18.47
N MET B 47 13.99 -34.24 17.38
CA MET B 47 13.32 -33.96 16.14
C MET B 47 12.77 -35.25 15.56
N LYS B 48 11.54 -35.23 15.10
CA LYS B 48 10.91 -36.44 14.54
C LYS B 48 11.38 -36.67 13.11
N GLU B 49 11.50 -35.59 12.35
CA GLU B 49 12.17 -35.65 11.05
C GLU B 49 13.14 -34.46 10.89
N ASP B 50 14.03 -34.57 9.90
CA ASP B 50 14.89 -33.46 9.52
C ASP B 50 14.84 -33.24 8.01
N ILE B 51 14.38 -32.04 7.65
CA ILE B 51 14.38 -31.61 6.26
C ILE B 51 15.67 -30.83 6.00
N LEU B 52 16.51 -31.44 5.18
CA LEU B 52 17.68 -30.79 4.61
C LEU B 52 17.17 -29.99 3.42
N TYR B 53 16.60 -28.83 3.77
CA TYR B 53 15.90 -27.95 2.83
C TYR B 53 16.66 -27.69 1.52
N HIS B 54 17.95 -27.41 1.65
CA HIS B 54 18.76 -27.01 0.49
C HIS B 54 19.21 -28.16 -0.39
N PHE B 55 19.26 -29.36 0.19
CA PHE B 55 19.55 -30.59 -0.54
C PHE B 55 18.30 -31.25 -1.09
N ASN B 56 17.14 -30.80 -0.60
CA ASN B 56 15.83 -31.44 -0.86
C ASN B 56 15.80 -32.91 -0.42
N LEU B 57 16.37 -33.18 0.75
CA LEU B 57 16.41 -34.51 1.31
C LEU B 57 15.83 -34.46 2.70
N THR B 58 15.17 -35.55 3.10
CA THR B 58 14.45 -35.63 4.37
C THR B 58 14.74 -36.98 5.02
N THR B 59 14.98 -36.97 6.33
CA THR B 59 15.18 -38.20 7.09
C THR B 59 13.99 -39.17 6.99
N SER B 60 12.78 -38.63 6.79
CA SER B 60 11.55 -39.43 6.67
C SER B 60 11.40 -40.10 5.30
N ARG B 61 11.95 -39.48 4.25
CA ARG B 61 11.78 -39.97 2.89
C ARG B 61 12.97 -40.79 2.39
N HIS B 62 14.10 -40.74 3.13
CA HIS B 62 15.34 -41.35 2.66
C HIS B 62 16.02 -42.23 3.73
N ASN B 63 16.49 -43.39 3.27
CA ASN B 63 17.28 -44.31 4.10
C ASN B 63 18.75 -43.88 4.12
N PHE B 64 19.09 -42.96 5.02
CA PHE B 64 20.39 -42.29 5.01
C PHE B 64 21.56 -43.27 5.19
N PRO B 65 21.52 -44.15 6.23
CA PRO B 65 22.56 -45.17 6.34
C PRO B 65 22.76 -46.04 5.11
N ALA B 66 21.69 -46.42 4.42
CA ALA B 66 21.80 -47.26 3.23
C ALA B 66 22.28 -46.50 1.97
N LEU B 67 21.98 -45.20 1.92
CA LEU B 67 22.38 -44.36 0.80
C LEU B 67 23.83 -43.85 0.92
N PHE B 68 24.25 -43.46 2.12
CA PHE B 68 25.48 -42.71 2.29
C PHE B 68 26.38 -43.31 3.35
N GLY B 69 25.98 -44.44 3.93
CA GLY B 69 26.70 -45.06 5.04
C GLY B 69 28.13 -45.46 4.72
N ASP B 70 28.40 -45.79 3.46
CA ASP B 70 29.75 -46.18 3.01
C ASP B 70 30.64 -45.02 2.55
N VAL B 71 30.21 -43.78 2.75
CA VAL B 71 30.99 -42.63 2.30
C VAL B 71 32.24 -42.47 3.17
N LYS B 72 33.39 -42.44 2.52
CA LYS B 72 34.67 -42.26 3.22
C LYS B 72 35.37 -41.00 2.74
N PHE B 73 35.09 -40.61 1.50
CA PHE B 73 35.72 -39.46 0.89
C PHE B 73 34.67 -38.52 0.31
N VAL B 74 34.72 -37.25 0.73
CA VAL B 74 33.87 -36.19 0.16
C VAL B 74 34.77 -35.16 -0.51
N CYS B 75 34.46 -34.84 -1.76
CA CYS B 75 35.14 -33.74 -2.44
C CYS B 75 34.13 -32.63 -2.66
N VAL B 76 34.52 -31.43 -2.27
CA VAL B 76 33.66 -30.24 -2.42
C VAL B 76 34.33 -29.14 -3.23
N GLY B 77 33.53 -28.40 -3.98
CA GLY B 77 34.00 -27.30 -4.80
C GLY B 77 32.84 -26.44 -5.25
N GLY B 78 33.16 -25.25 -5.77
CA GLY B 78 32.15 -24.26 -6.10
C GLY B 78 31.08 -24.70 -7.11
N SER B 79 31.52 -25.38 -8.17
CA SER B 79 30.71 -25.56 -9.38
C SER B 79 30.13 -26.97 -9.52
N PRO B 80 28.82 -27.06 -9.83
CA PRO B 80 28.17 -28.38 -10.09
C PRO B 80 28.80 -29.20 -11.23
N SER B 81 29.21 -28.54 -12.32
CA SER B 81 29.81 -29.27 -13.45
C SER B 81 31.21 -29.79 -13.14
N ARG B 82 32.06 -28.95 -12.53
CA ARG B 82 33.33 -29.39 -11.93
C ARG B 82 33.17 -30.57 -10.94
N MET B 83 32.07 -30.61 -10.19
CA MET B 83 31.89 -31.71 -9.23
C MET B 83 31.43 -33.01 -9.88
N LYS B 84 30.65 -32.89 -10.96
CA LYS B 84 30.28 -34.04 -11.76
C LYS B 84 31.50 -34.56 -12.54
N ALA B 85 32.26 -33.64 -13.13
CA ALA B 85 33.52 -34.00 -13.77
C ALA B 85 34.39 -34.73 -12.75
N PHE B 86 34.48 -34.19 -11.53
CA PHE B 86 35.29 -34.84 -10.51
C PHE B 86 34.84 -36.24 -10.21
N ILE B 87 33.52 -36.45 -10.16
CA ILE B 87 32.96 -37.76 -9.86
C ILE B 87 33.14 -38.75 -11.02
N ARG B 88 33.18 -38.24 -12.25
CA ARG B 88 33.44 -39.07 -13.42
C ARG B 88 34.90 -39.53 -13.43
N CYS B 89 35.80 -38.57 -13.20
CA CYS B 89 37.23 -38.78 -13.20
C CYS B 89 37.65 -39.77 -12.14
N VAL B 90 37.13 -39.65 -10.93
CA VAL B 90 37.53 -40.54 -9.85
C VAL B 90 36.83 -41.90 -9.97
N GLY B 91 35.68 -41.92 -10.66
CA GLY B 91 35.00 -43.18 -10.96
C GLY B 91 35.83 -44.00 -11.94
N ALA B 92 36.39 -43.32 -12.95
CA ALA B 92 37.36 -43.91 -13.88
C ALA B 92 38.63 -44.38 -13.18
N GLU B 93 39.19 -43.53 -12.31
CA GLU B 93 40.41 -43.85 -11.55
C GLU B 93 40.27 -45.11 -10.72
N LEU B 94 39.08 -45.32 -10.17
CA LEU B 94 38.78 -46.49 -9.35
C LEU B 94 38.18 -47.62 -10.19
N GLY B 95 37.87 -47.30 -11.44
CA GLY B 95 37.29 -48.26 -12.37
C GLY B 95 35.88 -48.73 -12.04
N LEU B 96 35.07 -47.85 -11.46
CA LEU B 96 33.63 -48.05 -11.30
C LEU B 96 32.91 -47.30 -12.43
N ASP B 97 33.71 -46.95 -13.44
CA ASP B 97 33.30 -46.24 -14.66
C ASP B 97 32.72 -47.22 -15.68
N CYS B 98 31.43 -47.49 -15.58
CA CYS B 98 30.74 -48.35 -16.55
C CYS B 98 30.42 -47.57 -17.85
N PRO B 99 30.36 -48.29 -19.00
CA PRO B 99 30.13 -47.62 -20.27
C PRO B 99 28.80 -46.84 -20.34
N GLY B 100 28.87 -45.65 -20.92
CA GLY B 100 27.69 -44.81 -21.20
C GLY B 100 27.12 -44.01 -20.04
N ARG B 101 26.70 -44.72 -19.00
CA ARG B 101 25.82 -44.20 -17.92
C ARG B 101 26.38 -43.10 -17.01
N ASP B 102 25.46 -42.21 -16.60
CA ASP B 102 25.77 -41.02 -15.81
C ASP B 102 25.68 -41.21 -14.30
N TYR B 103 26.12 -40.16 -13.61
CA TYR B 103 26.05 -40.07 -12.18
C TYR B 103 24.92 -39.09 -11.93
N PRO B 104 23.76 -39.60 -11.46
CA PRO B 104 22.64 -38.70 -11.21
C PRO B 104 22.97 -37.69 -10.12
N ASN B 105 22.47 -36.46 -10.31
CA ASN B 105 22.46 -35.46 -9.25
C ASN B 105 21.52 -35.96 -8.17
N ILE B 106 22.08 -36.28 -7.01
CA ILE B 106 21.30 -36.75 -5.86
C ILE B 106 20.32 -35.65 -5.37
N CYS B 107 20.69 -34.39 -5.66
CA CYS B 107 19.87 -33.21 -5.33
C CYS B 107 19.20 -32.59 -6.55
N ALA B 108 19.00 -33.38 -7.61
CA ALA B 108 18.27 -32.93 -8.81
C ALA B 108 16.87 -32.53 -8.37
N GLY B 109 16.33 -31.45 -8.89
CA GLY B 109 15.09 -30.90 -8.33
C GLY B 109 15.31 -29.60 -7.58
N THR B 110 16.32 -29.56 -6.70
CA THR B 110 16.79 -28.27 -6.17
C THR B 110 17.84 -27.74 -7.13
N ASP B 111 18.16 -26.47 -7.01
CA ASP B 111 19.25 -25.88 -7.76
C ASP B 111 20.30 -25.18 -6.87
N ARG B 112 20.25 -25.41 -5.57
CA ARG B 112 21.18 -24.75 -4.64
C ARG B 112 22.52 -25.47 -4.72
N TYR B 113 22.50 -26.79 -4.51
CA TYR B 113 23.71 -27.62 -4.59
C TYR B 113 23.48 -28.87 -5.39
N ALA B 114 24.54 -29.37 -6.04
CA ALA B 114 24.51 -30.66 -6.73
C ALA B 114 25.36 -31.70 -5.99
N MET B 115 25.01 -32.98 -6.12
CA MET B 115 25.65 -34.03 -5.36
C MET B 115 25.75 -35.30 -6.18
N TYR B 116 26.94 -35.91 -6.18
CA TYR B 116 27.22 -37.11 -6.95
C TYR B 116 27.98 -38.12 -6.10
N LYS B 117 27.91 -39.39 -6.52
CA LYS B 117 28.43 -40.50 -5.73
C LYS B 117 28.84 -41.67 -6.63
N VAL B 118 29.94 -42.32 -6.24
CA VAL B 118 30.49 -43.48 -6.92
C VAL B 118 31.29 -44.23 -5.86
N GLY B 119 30.86 -45.44 -5.53
CA GLY B 119 31.43 -46.16 -4.39
C GLY B 119 31.42 -45.27 -3.15
N PRO B 120 32.56 -45.23 -2.42
CA PRO B 120 32.71 -44.49 -1.16
C PRO B 120 33.04 -43.00 -1.35
N VAL B 121 32.88 -42.48 -2.57
CA VAL B 121 33.21 -41.08 -2.85
C VAL B 121 31.94 -40.24 -3.12
N LEU B 122 31.83 -39.12 -2.39
CA LEU B 122 30.74 -38.17 -2.57
C LEU B 122 31.25 -36.83 -3.11
N SER B 123 30.56 -36.29 -4.11
CA SER B 123 30.93 -35.02 -4.72
C SER B 123 29.81 -34.00 -4.48
N VAL B 124 30.16 -32.80 -4.00
CA VAL B 124 29.17 -31.77 -3.61
C VAL B 124 29.61 -30.36 -4.01
N SER B 125 28.80 -29.68 -4.81
CA SER B 125 29.05 -28.27 -5.09
C SER B 125 28.66 -27.39 -3.90
N HIS B 126 29.21 -26.19 -3.82
CA HIS B 126 28.90 -25.27 -2.72
C HIS B 126 28.79 -23.78 -3.05
N GLY B 127 28.81 -23.42 -4.34
CA GLY B 127 28.73 -22.00 -4.73
C GLY B 127 29.90 -21.16 -4.23
N MET B 128 29.71 -19.84 -4.20
CA MET B 128 30.75 -18.92 -3.76
C MET B 128 30.49 -18.30 -2.40
N GLY B 129 31.52 -18.31 -1.55
CA GLY B 129 31.49 -17.60 -0.28
C GLY B 129 31.14 -18.42 0.95
N ILE B 130 31.56 -17.88 2.09
CA ILE B 130 31.33 -18.44 3.42
C ILE B 130 29.87 -18.86 3.64
N PRO B 131 28.90 -17.93 3.49
CA PRO B 131 27.49 -18.31 3.71
C PRO B 131 27.01 -19.51 2.88
N SER B 132 27.33 -19.52 1.60
CA SER B 132 26.96 -20.59 0.67
C SER B 132 27.49 -22.00 1.06
N ILE B 133 28.78 -22.08 1.39
CA ILE B 133 29.37 -23.35 1.80
C ILE B 133 28.94 -23.78 3.22
N SER B 134 28.81 -22.80 4.14
CA SER B 134 28.19 -22.96 5.46
C SER B 134 26.94 -23.79 5.47
N ILE B 135 26.00 -23.41 4.58
CA ILE B 135 24.66 -24.00 4.54
C ILE B 135 24.78 -25.41 4.07
N MET B 136 25.56 -25.59 3.02
CA MET B 136 25.93 -26.88 2.48
C MET B 136 26.59 -27.74 3.57
N LEU B 137 27.54 -27.17 4.31
CA LEU B 137 28.24 -27.94 5.34
C LEU B 137 27.37 -28.32 6.52
N HIS B 138 26.46 -27.44 6.94
CA HIS B 138 25.53 -27.77 8.04
C HIS B 138 24.71 -28.97 7.60
N GLU B 139 24.26 -28.93 6.35
CA GLU B 139 23.37 -29.99 5.84
C GLU B 139 24.08 -31.30 5.48
N LEU B 140 25.33 -31.19 5.02
CA LEU B 140 26.11 -32.35 4.62
C LEU B 140 26.56 -33.11 5.87
N ILE B 141 27.01 -32.36 6.86
CA ILE B 141 27.48 -32.98 8.08
C ILE B 141 26.37 -33.75 8.81
N LYS B 142 25.15 -33.22 8.86
CA LYS B 142 24.00 -33.94 9.41
C LYS B 142 23.65 -35.15 8.55
N LEU B 143 23.74 -34.99 7.24
CA LEU B 143 23.48 -36.09 6.30
C LEU B 143 24.38 -37.29 6.60
N LEU B 144 25.67 -37.03 6.81
CA LEU B 144 26.67 -38.05 7.09
C LEU B 144 26.48 -38.65 8.47
N TYR B 145 26.10 -37.80 9.41
CA TYR B 145 25.74 -38.23 10.76
C TYR B 145 24.53 -39.20 10.77
N TYR B 146 23.44 -38.84 10.08
CA TYR B 146 22.27 -39.71 9.95
C TYR B 146 22.62 -41.02 9.25
N ALA B 147 23.59 -40.94 8.34
CA ALA B 147 24.06 -42.11 7.61
C ALA B 147 25.05 -42.94 8.45
N ARG B 148 25.36 -42.43 9.65
CA ARG B 148 26.28 -43.06 10.60
C ARG B 148 27.70 -43.31 10.04
N CYS B 149 28.18 -42.33 9.27
CA CYS B 149 29.46 -42.37 8.59
C CYS B 149 30.59 -42.16 9.58
N SER B 150 31.72 -42.82 9.33
CA SER B 150 32.91 -42.68 10.17
C SER B 150 34.16 -42.69 9.28
N ASN B 151 35.27 -42.18 9.82
CA ASN B 151 36.56 -42.08 9.09
C ASN B 151 36.45 -41.27 7.79
N VAL B 152 35.75 -40.14 7.88
CA VAL B 152 35.46 -39.36 6.67
C VAL B 152 36.55 -38.32 6.41
N THR B 153 37.11 -38.40 5.21
CA THR B 153 38.02 -37.37 4.74
C THR B 153 37.25 -36.46 3.80
N ILE B 154 37.34 -35.15 4.06
CA ILE B 154 36.69 -34.14 3.23
C ILE B 154 37.72 -33.18 2.62
N ILE B 155 37.64 -32.96 1.30
CA ILE B 155 38.60 -32.11 0.61
C ILE B 155 37.92 -31.02 -0.23
N ARG B 156 38.28 -29.77 0.04
CA ARG B 156 37.84 -28.69 -0.83
C ARG B 156 38.82 -28.48 -1.99
N ILE B 157 38.31 -28.57 -3.22
CA ILE B 157 39.08 -28.16 -4.39
C ILE B 157 38.50 -26.85 -4.94
N GLY B 158 39.38 -25.93 -5.32
CA GLY B 158 38.97 -24.68 -5.91
C GLY B 158 40.09 -23.83 -6.47
N THR B 159 39.79 -22.55 -6.64
CA THR B 159 40.69 -21.61 -7.27
C THR B 159 41.02 -20.52 -6.27
N SER B 160 42.13 -19.81 -6.50
CA SER B 160 42.56 -18.76 -5.57
C SER B 160 43.45 -17.75 -6.26
N GLY B 161 43.72 -16.66 -5.57
CA GLY B 161 44.80 -15.75 -6.01
C GLY B 161 46.08 -16.06 -5.24
N GLY B 162 47.18 -16.23 -5.95
CA GLY B 162 48.47 -16.47 -5.29
C GLY B 162 49.16 -15.22 -4.80
N ILE B 163 49.96 -15.38 -3.73
CA ILE B 163 50.92 -14.37 -3.33
C ILE B 163 52.35 -14.88 -3.52
N GLY B 164 53.05 -14.29 -4.50
CA GLY B 164 54.42 -14.66 -4.79
C GLY B 164 54.55 -16.09 -5.29
N LEU B 165 53.62 -16.52 -6.13
CA LEU B 165 53.69 -17.80 -6.79
C LEU B 165 53.37 -17.61 -8.27
N GLU B 166 54.00 -18.43 -9.12
CA GLU B 166 53.66 -18.45 -10.54
C GLU B 166 52.18 -18.89 -10.70
N PRO B 167 51.46 -18.29 -11.68
CA PRO B 167 50.09 -18.74 -11.88
C PRO B 167 50.05 -20.23 -12.15
N GLY B 168 49.02 -20.90 -11.64
CA GLY B 168 48.80 -22.31 -11.94
C GLY B 168 49.44 -23.22 -10.94
N THR B 169 49.86 -22.65 -9.82
CA THR B 169 50.51 -23.38 -8.73
C THR B 169 49.45 -23.97 -7.83
N VAL B 170 49.60 -25.23 -7.45
CA VAL B 170 48.69 -25.82 -6.47
C VAL B 170 49.20 -25.54 -5.07
N VAL B 171 48.34 -24.98 -4.23
CA VAL B 171 48.61 -24.76 -2.84
C VAL B 171 47.80 -25.76 -1.97
N ILE B 172 48.52 -26.51 -1.13
CA ILE B 172 47.87 -27.35 -0.14
C ILE B 172 47.87 -26.57 1.13
N THR B 173 46.68 -26.27 1.64
CA THR B 173 46.49 -25.36 2.77
C THR B 173 46.98 -25.96 4.09
N GLU B 174 47.91 -25.27 4.73
CA GLU B 174 48.36 -25.66 6.08
C GLU B 174 47.36 -25.11 7.11
N GLN B 175 47.22 -23.79 7.15
CA GLN B 175 46.18 -23.16 7.95
C GLN B 175 45.32 -22.27 7.07
N ALA B 176 44.01 -22.36 7.33
CA ALA B 176 43.00 -21.46 6.81
C ALA B 176 42.96 -20.29 7.76
N VAL B 177 43.27 -19.10 7.25
CA VAL B 177 43.44 -17.93 8.13
C VAL B 177 42.53 -16.78 7.76
N ASP B 178 42.33 -15.87 8.71
CA ASP B 178 41.48 -14.69 8.50
C ASP B 178 42.30 -13.57 7.90
N THR B 179 41.73 -12.37 7.91
CA THR B 179 42.37 -11.21 7.26
C THR B 179 43.42 -10.54 8.16
N CYS B 180 43.56 -11.04 9.39
CA CYS B 180 44.69 -10.74 10.28
C CYS B 180 45.75 -11.83 10.14
N PHE B 181 45.49 -12.78 9.25
CA PHE B 181 46.37 -13.94 8.99
C PHE B 181 46.48 -14.90 10.17
N LYS B 182 45.47 -14.91 11.03
CA LYS B 182 45.36 -15.84 12.19
C LYS B 182 44.46 -17.04 11.88
N ALA B 183 44.74 -18.17 12.54
CA ALA B 183 44.01 -19.42 12.32
C ALA B 183 42.65 -19.40 13.00
N GLU B 184 41.82 -18.44 12.61
CA GLU B 184 40.57 -18.17 13.32
C GLU B 184 39.42 -17.94 12.37
N PHE B 185 38.23 -18.32 12.81
CA PHE B 185 36.98 -18.04 12.12
C PHE B 185 36.00 -17.37 13.05
N GLU B 186 35.56 -16.18 12.68
CA GLU B 186 34.52 -15.49 13.41
C GLU B 186 33.13 -15.58 12.74
N GLN B 187 32.12 -15.81 13.57
CA GLN B 187 30.73 -15.66 13.16
C GLN B 187 29.95 -14.94 14.24
N ILE B 188 28.78 -14.44 13.89
CA ILE B 188 27.86 -13.83 14.85
C ILE B 188 26.78 -14.85 15.20
N VAL B 189 26.66 -15.16 16.48
CA VAL B 189 25.63 -16.06 16.96
C VAL B 189 24.82 -15.25 17.97
N LEU B 190 23.51 -15.15 17.72
CA LEU B 190 22.58 -14.35 18.53
C LEU B 190 23.10 -12.94 18.83
N GLY B 191 23.67 -12.29 17.82
CA GLY B 191 24.22 -10.95 17.98
C GLY B 191 25.61 -10.87 18.60
N LYS B 192 26.13 -11.99 19.11
CA LYS B 192 27.49 -12.01 19.70
C LYS B 192 28.51 -12.63 18.75
N ARG B 193 29.70 -12.02 18.70
CA ARG B 193 30.85 -12.53 17.94
C ARG B 193 31.39 -13.80 18.59
N VAL B 194 31.48 -14.89 17.82
CA VAL B 194 31.96 -16.20 18.32
C VAL B 194 33.19 -16.67 17.51
N ILE B 195 34.33 -16.74 18.19
CA ILE B 195 35.60 -17.15 17.59
C ILE B 195 35.84 -18.65 17.77
N ARG B 196 36.04 -19.31 16.64
CA ARG B 196 36.35 -20.74 16.59
C ARG B 196 37.63 -20.92 15.79
N LYS B 197 38.39 -21.96 16.13
CA LYS B 197 39.66 -22.23 15.44
C LYS B 197 39.51 -23.02 14.15
N THR B 198 40.34 -22.66 13.19
CA THR B 198 40.44 -23.42 11.95
C THR B 198 41.48 -24.53 12.12
N ASP B 199 41.10 -25.75 11.74
CA ASP B 199 41.92 -26.93 11.91
C ASP B 199 41.84 -27.80 10.67
N LEU B 200 42.94 -27.90 9.93
CA LEU B 200 43.03 -28.83 8.82
C LEU B 200 43.99 -29.96 9.19
N ASN B 201 43.60 -31.18 8.83
CA ASN B 201 44.38 -32.35 9.18
C ASN B 201 45.82 -32.38 8.61
N LYS B 202 46.79 -32.32 9.53
CA LYS B 202 48.23 -32.32 9.21
C LYS B 202 48.70 -33.57 8.48
N LYS B 203 48.22 -34.72 8.93
CA LYS B 203 48.55 -35.99 8.31
C LYS B 203 48.10 -35.93 6.86
N LEU B 204 46.86 -35.49 6.67
CA LEU B 204 46.25 -35.31 5.36
C LEU B 204 47.05 -34.38 4.47
N VAL B 205 47.48 -33.25 5.03
CA VAL B 205 48.38 -32.34 4.31
C VAL B 205 49.61 -33.11 3.79
N GLN B 206 50.19 -33.94 4.64
CA GLN B 206 51.38 -34.71 4.30
C GLN B 206 51.14 -35.69 3.17
N GLU B 207 50.04 -36.43 3.27
CA GLU B 207 49.65 -37.43 2.26
C GLU B 207 49.48 -36.82 0.89
N LEU B 208 48.84 -35.64 0.85
CA LEU B 208 48.59 -34.94 -0.39
C LEU B 208 49.88 -34.38 -1.00
N LEU B 209 50.75 -33.86 -0.14
CA LEU B 209 52.06 -33.43 -0.57
C LEU B 209 52.84 -34.62 -1.19
N LEU B 210 52.90 -35.73 -0.47
CA LEU B 210 53.55 -36.93 -1.00
C LEU B 210 53.01 -37.27 -2.38
N CYS B 211 51.70 -37.27 -2.53
CA CYS B 211 51.06 -37.58 -3.81
C CYS B 211 51.54 -36.67 -4.94
N SER B 212 51.69 -35.40 -4.64
CA SER B 212 52.03 -34.39 -5.63
C SER B 212 53.48 -34.50 -6.09
N ALA B 213 54.40 -34.77 -5.17
CA ALA B 213 55.80 -35.06 -5.52
C ALA B 213 55.91 -36.31 -6.40
N GLU B 214 55.07 -37.31 -6.15
CA GLU B 214 55.08 -38.49 -7.02
C GLU B 214 54.60 -38.12 -8.39
N LEU B 215 53.48 -37.38 -8.45
CA LEU B 215 52.89 -36.97 -9.71
C LEU B 215 53.84 -36.09 -10.47
N SER B 216 54.35 -35.07 -9.78
CA SER B 216 55.30 -34.14 -10.36
C SER B 216 54.82 -33.52 -11.67
N GLU B 217 53.51 -33.27 -11.78
CA GLU B 217 52.91 -32.66 -12.97
C GLU B 217 52.73 -31.15 -12.90
N PHE B 218 52.90 -30.58 -11.70
CA PHE B 218 52.75 -29.12 -11.47
C PHE B 218 53.44 -28.72 -10.20
N THR B 219 53.86 -27.48 -10.08
CA THR B 219 54.39 -26.92 -8.83
C THR B 219 53.34 -26.99 -7.72
N THR B 220 53.70 -27.61 -6.60
CA THR B 220 52.84 -27.71 -5.44
C THR B 220 53.61 -27.17 -4.26
N VAL B 221 52.95 -26.33 -3.46
CA VAL B 221 53.53 -25.78 -2.25
C VAL B 221 52.54 -25.99 -1.10
N VAL B 222 53.03 -25.85 0.12
CA VAL B 222 52.19 -25.88 1.31
C VAL B 222 52.30 -24.50 1.94
N GLY B 223 51.16 -23.84 2.12
CA GLY B 223 51.09 -22.50 2.72
C GLY B 223 49.79 -22.22 3.43
N ASN B 224 49.69 -21.04 4.01
CA ASN B 224 48.44 -20.59 4.60
C ASN B 224 47.57 -19.90 3.55
N THR B 225 46.26 -20.03 3.76
CA THR B 225 45.29 -19.59 2.79
C THR B 225 44.39 -18.60 3.47
N MET B 226 44.32 -17.40 2.93
CA MET B 226 43.52 -16.36 3.54
C MET B 226 42.12 -16.34 2.93
N CYS B 227 41.11 -16.40 3.79
CA CYS B 227 39.71 -16.40 3.40
C CYS B 227 39.08 -15.03 3.56
N THR B 228 38.36 -14.60 2.53
CA THR B 228 37.78 -13.24 2.46
C THR B 228 36.27 -13.29 2.18
N LEU B 229 35.55 -12.21 2.51
CA LEU B 229 34.11 -12.14 2.26
C LEU B 229 33.71 -11.36 1.00
N ASP B 230 34.72 -10.91 0.26
CA ASP B 230 34.57 -10.05 -0.91
C ASP B 230 35.78 -10.34 -1.76
N PHE B 231 35.59 -10.31 -3.06
CA PHE B 231 36.61 -10.65 -4.05
C PHE B 231 37.43 -9.42 -4.46
N TYR B 232 36.86 -8.21 -4.33
CA TYR B 232 37.50 -7.00 -4.82
C TYR B 232 38.17 -6.24 -3.68
N GLU B 233 37.42 -5.40 -2.96
CA GLU B 233 37.99 -4.66 -1.82
C GLU B 233 38.49 -5.61 -0.73
N GLY B 234 37.83 -6.75 -0.58
CA GLY B 234 38.18 -7.78 0.40
C GLY B 234 39.45 -8.53 0.07
N GLN B 235 39.89 -8.50 -1.19
CA GLN B 235 41.16 -9.14 -1.61
C GLN B 235 42.22 -8.12 -2.04
N GLY B 236 41.92 -6.86 -1.75
CA GLY B 236 42.80 -5.73 -2.00
C GLY B 236 42.92 -5.37 -3.45
N ARG B 237 41.91 -5.71 -4.23
CA ARG B 237 41.87 -5.37 -5.66
C ARG B 237 41.60 -3.87 -5.90
N LEU B 238 42.10 -3.39 -7.03
CA LEU B 238 41.94 -2.00 -7.44
C LEU B 238 40.86 -1.86 -8.52
N ASP B 239 40.39 -2.98 -9.06
CA ASP B 239 39.52 -2.99 -10.23
C ASP B 239 38.04 -3.29 -9.91
N GLY B 240 37.63 -3.06 -8.68
CA GLY B 240 36.22 -3.23 -8.30
C GLY B 240 35.36 -2.05 -8.71
N ALA B 241 34.07 -2.11 -8.38
CA ALA B 241 33.18 -0.98 -8.55
C ALA B 241 33.50 0.07 -7.48
N LEU B 242 34.12 -0.37 -6.39
CA LEU B 242 34.55 0.48 -5.28
C LEU B 242 36.02 0.21 -4.93
N CYS B 243 36.77 1.27 -4.63
CA CYS B 243 38.16 1.15 -4.13
C CYS B 243 38.63 2.34 -3.29
N SER B 244 38.92 2.07 -2.03
CA SER B 244 39.20 3.09 -1.00
C SER B 244 40.69 3.23 -0.62
N TYR B 245 41.58 2.85 -1.53
CA TYR B 245 43.02 2.69 -1.22
C TYR B 245 43.85 2.68 -2.49
N THR B 246 45.16 2.69 -2.32
CA THR B 246 46.10 2.85 -3.43
C THR B 246 46.78 1.55 -3.81
N GLU B 247 47.50 1.58 -4.93
CA GLU B 247 48.28 0.46 -5.45
C GLU B 247 49.35 -0.05 -4.46
N LYS B 248 49.71 0.81 -3.53
CA LYS B 248 50.80 0.57 -2.61
C LYS B 248 50.28 0.17 -1.24
N ASP B 249 49.09 0.65 -0.91
CA ASP B 249 48.32 0.14 0.24
C ASP B 249 48.05 -1.36 0.10
N LYS B 250 47.70 -1.77 -1.12
CA LYS B 250 47.40 -3.16 -1.49
C LYS B 250 48.67 -4.00 -1.43
N GLN B 251 49.71 -3.49 -2.10
CA GLN B 251 50.99 -4.18 -2.24
C GLN B 251 51.59 -4.45 -0.87
N ALA B 252 51.34 -3.55 0.07
CA ALA B 252 51.91 -3.63 1.41
C ALA B 252 51.08 -4.50 2.33
N TYR B 253 49.79 -4.65 2.01
CA TYR B 253 48.93 -5.59 2.72
C TYR B 253 49.26 -7.01 2.29
N LEU B 254 49.46 -7.19 0.99
CA LEU B 254 49.80 -8.48 0.43
C LEU B 254 51.16 -8.98 0.93
N GLU B 255 52.17 -8.10 0.89
CA GLU B 255 53.50 -8.42 1.44
C GLU B 255 53.44 -8.78 2.93
N ALA B 256 52.69 -8.00 3.70
CA ALA B 256 52.40 -8.34 5.10
C ALA B 256 51.82 -9.75 5.21
N ALA B 257 50.82 -10.07 4.37
CA ALA B 257 50.19 -11.39 4.32
C ALA B 257 51.20 -12.50 4.05
N TYR B 258 52.01 -12.30 3.00
CA TYR B 258 53.08 -13.22 2.59
C TYR B 258 54.03 -13.52 3.75
N ALA B 259 54.44 -12.45 4.46
CA ALA B 259 55.35 -12.59 5.59
C ALA B 259 54.76 -13.44 6.71
N ALA B 260 53.44 -13.39 6.88
CA ALA B 260 52.78 -14.16 7.95
C ALA B 260 52.47 -15.63 7.59
N GLY B 261 52.90 -16.06 6.40
CA GLY B 261 52.74 -17.45 5.95
C GLY B 261 51.72 -17.66 4.84
N VAL B 262 51.06 -16.59 4.41
CA VAL B 262 49.99 -16.66 3.41
C VAL B 262 50.57 -16.82 2.02
N ARG B 263 50.05 -17.79 1.27
CA ARG B 263 50.48 -18.04 -0.10
C ARG B 263 49.33 -17.90 -1.10
N ASN B 264 48.09 -17.96 -0.60
CA ASN B 264 46.93 -17.74 -1.48
C ASN B 264 45.69 -17.15 -0.82
N ILE B 265 44.74 -16.72 -1.65
CA ILE B 265 43.53 -16.04 -1.18
C ILE B 265 42.29 -16.56 -1.90
N GLU B 266 41.27 -16.93 -1.12
CA GLU B 266 40.01 -17.43 -1.67
C GLU B 266 38.86 -17.19 -0.68
N MET B 267 37.74 -17.89 -0.85
CA MET B 267 36.51 -17.47 -0.19
C MET B 267 35.75 -18.49 0.66
N GLU B 268 36.24 -19.71 0.77
CA GLU B 268 35.47 -20.73 1.51
C GLU B 268 36.26 -21.51 2.57
N SER B 269 37.58 -21.34 2.65
CA SER B 269 38.43 -22.22 3.48
C SER B 269 38.19 -22.14 4.98
N SER B 270 37.86 -20.96 5.48
CA SER B 270 37.88 -20.74 6.93
C SER B 270 36.70 -21.39 7.61
N VAL B 271 35.51 -21.22 7.04
CA VAL B 271 34.32 -21.88 7.60
C VAL B 271 34.41 -23.41 7.41
N PHE B 272 34.92 -23.85 6.27
CA PHE B 272 35.16 -25.26 5.96
C PHE B 272 36.07 -25.89 7.03
N ALA B 273 37.18 -25.21 7.34
CA ALA B 273 38.15 -25.64 8.35
C ALA B 273 37.65 -25.57 9.80
N ALA B 274 36.68 -24.70 10.06
CA ALA B 274 36.13 -24.57 11.42
C ALA B 274 34.90 -25.43 11.67
N MET B 275 34.38 -26.11 10.66
CA MET B 275 33.19 -26.93 10.90
C MET B 275 33.54 -28.38 10.81
N CYS B 276 34.37 -28.73 9.82
CA CYS B 276 34.62 -30.13 9.49
C CYS B 276 35.35 -30.85 10.61
N SER B 277 36.43 -30.24 11.10
CA SER B 277 37.23 -30.75 12.22
C SER B 277 36.40 -30.95 13.48
N ALA B 278 35.57 -29.94 13.80
CA ALA B 278 34.75 -29.97 15.02
C ALA B 278 33.74 -31.11 14.98
N CYS B 279 33.39 -31.54 13.78
CA CYS B 279 32.41 -32.59 13.63
C CYS B 279 33.06 -33.94 13.27
N GLY B 280 34.37 -34.06 13.42
CA GLY B 280 35.06 -35.36 13.26
C GLY B 280 35.37 -35.81 11.83
N LEU B 281 35.45 -34.84 10.92
CA LEU B 281 35.88 -35.09 9.55
C LEU B 281 37.35 -34.69 9.47
N GLN B 282 38.12 -35.39 8.67
CA GLN B 282 39.49 -34.99 8.38
C GLN B 282 39.46 -34.13 7.13
N ALA B 283 39.81 -32.85 7.27
CA ALA B 283 39.61 -31.84 6.23
C ALA B 283 40.91 -31.37 5.59
N ALA B 284 40.89 -31.20 4.26
CA ALA B 284 41.98 -30.53 3.53
C ALA B 284 41.43 -29.52 2.52
N VAL B 285 42.24 -28.54 2.15
CA VAL B 285 41.92 -27.61 1.08
C VAL B 285 43.07 -27.63 0.05
N VAL B 286 42.71 -27.73 -1.23
CA VAL B 286 43.66 -27.80 -2.35
C VAL B 286 43.14 -26.83 -3.40
N CYS B 287 43.81 -25.69 -3.56
CA CYS B 287 43.41 -24.70 -4.56
C CYS B 287 44.53 -24.45 -5.53
N VAL B 288 44.18 -24.15 -6.78
CA VAL B 288 45.14 -23.70 -7.75
C VAL B 288 45.11 -22.15 -7.77
N THR B 289 46.28 -21.53 -7.97
CA THR B 289 46.33 -20.08 -8.16
C THR B 289 46.08 -19.76 -9.63
N LEU B 290 45.29 -18.72 -9.90
CA LEU B 290 44.98 -18.39 -11.29
C LEU B 290 45.79 -17.18 -11.76
N LEU B 291 46.45 -16.53 -10.81
CA LEU B 291 47.29 -15.35 -11.09
C LEU B 291 48.13 -15.08 -9.87
N ASN B 292 49.21 -14.33 -10.05
CA ASN B 292 50.01 -13.80 -8.93
C ASN B 292 49.55 -12.37 -8.61
N ARG B 293 49.10 -12.18 -7.37
CA ARG B 293 48.44 -10.95 -6.98
C ARG B 293 49.43 -9.83 -6.68
N LEU B 294 50.72 -10.17 -6.68
CA LEU B 294 51.75 -9.16 -6.53
C LEU B 294 51.96 -8.42 -7.87
N GLU B 295 51.58 -9.09 -8.96
CA GLU B 295 51.77 -8.59 -10.33
C GLU B 295 50.50 -8.06 -11.01
N GLY B 296 49.33 -8.25 -10.40
CA GLY B 296 48.07 -7.79 -10.97
C GLY B 296 46.81 -8.24 -10.26
N ASP B 297 45.67 -7.91 -10.87
CA ASP B 297 44.34 -8.19 -10.31
C ASP B 297 43.43 -8.92 -11.28
N GLN B 298 43.47 -8.51 -12.55
CA GLN B 298 42.66 -9.13 -13.60
C GLN B 298 43.04 -10.58 -13.83
N ILE B 299 42.03 -11.41 -14.07
CA ILE B 299 42.28 -12.80 -14.42
C ILE B 299 42.28 -12.88 -15.93
N SER B 300 43.45 -12.66 -16.53
CA SER B 300 43.55 -12.44 -17.97
C SER B 300 44.12 -13.57 -18.81
N SER B 301 44.49 -14.69 -18.19
CA SER B 301 45.01 -15.85 -18.93
C SER B 301 43.97 -16.37 -19.94
N PRO B 302 44.44 -16.98 -21.05
CA PRO B 302 43.49 -17.60 -21.99
C PRO B 302 42.58 -18.64 -21.30
N ARG B 303 41.36 -18.81 -21.83
CA ARG B 303 40.37 -19.65 -21.18
C ARG B 303 40.90 -21.06 -21.01
N ASN B 304 41.61 -21.52 -22.04
CA ASN B 304 42.23 -22.85 -22.10
C ASN B 304 43.29 -23.06 -21.02
N VAL B 305 44.12 -22.04 -20.80
CA VAL B 305 45.13 -22.06 -19.75
C VAL B 305 44.46 -22.16 -18.37
N LEU B 306 43.54 -21.24 -18.08
CA LEU B 306 42.73 -21.29 -16.86
C LEU B 306 42.04 -22.65 -16.68
N SER B 307 41.56 -23.20 -17.79
CA SER B 307 40.93 -24.52 -17.78
C SER B 307 41.91 -25.62 -17.37
N GLU B 308 43.11 -25.60 -17.92
CA GLU B 308 44.18 -26.54 -17.54
C GLU B 308 44.55 -26.43 -16.06
N TYR B 309 44.64 -25.19 -15.57
CA TYR B 309 44.92 -24.90 -14.16
C TYR B 309 43.91 -25.55 -13.23
N GLN B 310 42.63 -25.44 -13.59
CA GLN B 310 41.50 -25.85 -12.76
C GLN B 310 41.34 -27.37 -12.71
N GLN B 311 41.97 -28.11 -13.64
CA GLN B 311 42.02 -29.57 -13.58
C GLN B 311 42.96 -30.03 -12.45
N ARG B 312 43.91 -29.20 -12.07
CA ARG B 312 45.04 -29.62 -11.24
C ARG B 312 44.72 -30.11 -9.82
N PRO B 313 43.91 -29.33 -9.04
CA PRO B 313 43.33 -29.85 -7.79
C PRO B 313 42.55 -31.17 -7.97
N GLN B 314 41.78 -31.27 -9.04
CA GLN B 314 41.07 -32.49 -9.36
C GLN B 314 42.04 -33.64 -9.57
N ARG B 315 43.06 -33.41 -10.39
CA ARG B 315 44.07 -34.42 -10.68
C ARG B 315 44.74 -34.92 -9.39
N LEU B 316 45.18 -33.98 -8.56
CA LEU B 316 45.83 -34.34 -7.30
C LEU B 316 44.92 -35.14 -6.35
N VAL B 317 43.67 -34.71 -6.24
CA VAL B 317 42.77 -35.30 -5.24
C VAL B 317 42.19 -36.62 -5.71
N SER B 318 41.84 -36.74 -6.99
CA SER B 318 41.42 -38.04 -7.52
C SER B 318 42.54 -39.07 -7.45
N TYR B 319 43.77 -38.66 -7.74
CA TYR B 319 44.92 -39.55 -7.59
C TYR B 319 45.14 -39.98 -6.15
N PHE B 320 45.02 -39.02 -5.22
CA PHE B 320 45.08 -39.32 -3.79
C PHE B 320 44.00 -40.31 -3.32
N ILE B 321 42.77 -40.16 -3.81
CA ILE B 321 41.71 -41.06 -3.43
C ILE B 321 42.00 -42.48 -3.94
N LYS B 322 42.34 -42.59 -5.22
CA LYS B 322 42.81 -43.84 -5.83
C LYS B 322 43.94 -44.53 -5.02
N LYS B 323 44.97 -43.78 -4.66
CA LYS B 323 46.08 -44.31 -3.87
C LYS B 323 45.61 -44.77 -2.48
N LYS B 324 44.67 -44.06 -1.87
CA LYS B 324 44.14 -44.46 -0.56
C LYS B 324 43.25 -45.72 -0.62
N LEU B 325 42.53 -45.88 -1.72
CA LEU B 325 41.66 -47.04 -1.93
C LEU B 325 42.37 -48.16 -2.70
N SER B 326 43.70 -48.19 -2.61
CA SER B 326 44.47 -49.29 -3.15
C SER B 326 45.66 -49.62 -2.25
N ASP C 34 1.02 18.75 21.16
CA ASP C 34 1.71 19.26 19.94
C ASP C 34 0.82 20.14 19.05
N CYS C 35 -0.22 19.56 18.45
CA CYS C 35 -1.06 20.28 17.50
C CYS C 35 -2.48 20.45 17.99
N PRO C 36 -2.80 21.62 18.58
CA PRO C 36 -4.17 21.89 19.05
C PRO C 36 -5.14 22.18 17.90
N VAL C 37 -6.39 21.77 18.08
CA VAL C 37 -7.48 22.18 17.20
C VAL C 37 -7.68 23.69 17.37
N ARG C 38 -7.64 24.42 16.26
CA ARG C 38 -7.77 25.88 16.26
C ARG C 38 -8.95 26.36 15.41
N LEU C 39 -9.48 27.53 15.72
CA LEU C 39 -10.48 28.17 14.86
C LEU C 39 -9.87 29.40 14.24
N LEU C 40 -10.37 29.79 13.08
CA LEU C 40 -9.93 31.02 12.44
C LEU C 40 -11.05 32.06 12.49
N ASN C 41 -11.53 32.30 13.71
CA ASN C 41 -12.62 33.22 13.97
C ASN C 41 -12.42 33.97 15.30
N PRO C 42 -11.93 35.23 15.24
CA PRO C 42 -11.73 36.09 16.43
C PRO C 42 -12.97 36.30 17.31
N ASN C 43 -14.15 36.20 16.71
CA ASN C 43 -15.41 36.49 17.39
C ASN C 43 -15.84 35.47 18.43
N ILE C 44 -15.10 34.36 18.52
CA ILE C 44 -15.50 33.24 19.38
C ILE C 44 -15.24 33.50 20.86
N ALA C 45 -14.06 34.01 21.19
CA ALA C 45 -13.74 34.42 22.55
C ALA C 45 -14.63 35.59 23.01
N LYS C 46 -14.97 36.47 22.07
CA LYS C 46 -15.95 37.55 22.28
C LYS C 46 -17.35 37.05 22.64
N MET C 47 -17.61 35.76 22.41
CA MET C 47 -18.95 35.20 22.59
C MET C 47 -19.19 34.71 24.01
N LYS C 48 -20.31 35.15 24.59
CA LYS C 48 -20.71 34.75 25.93
C LYS C 48 -21.08 33.29 25.93
N GLU C 49 -22.01 32.94 25.04
CA GLU C 49 -22.47 31.56 24.86
C GLU C 49 -22.42 31.15 23.39
N ASP C 50 -22.42 29.83 23.16
CA ASP C 50 -22.49 29.30 21.81
C ASP C 50 -23.43 28.11 21.75
N ILE C 51 -24.44 28.24 20.90
CA ILE C 51 -25.37 27.16 20.63
C ILE C 51 -24.98 26.53 19.31
N LEU C 52 -24.44 25.31 19.39
CA LEU C 52 -24.25 24.44 18.22
C LEU C 52 -25.64 24.02 17.80
N TYR C 53 -26.28 24.90 17.03
CA TYR C 53 -27.70 24.82 16.77
C TYR C 53 -28.11 23.45 16.23
N HIS C 54 -27.39 22.96 15.23
CA HIS C 54 -27.73 21.71 14.58
C HIS C 54 -27.41 20.47 15.41
N PHE C 55 -26.40 20.55 16.28
CA PHE C 55 -26.05 19.43 17.16
C PHE C 55 -26.93 19.37 18.40
N ASN C 56 -27.71 20.45 18.61
CA ASN C 56 -28.46 20.69 19.85
C ASN C 56 -27.60 20.55 21.11
N LEU C 57 -26.44 21.19 21.09
CA LEU C 57 -25.53 21.24 22.25
C LEU C 57 -25.08 22.69 22.46
N THR C 58 -24.87 23.08 23.72
CA THR C 58 -24.45 24.46 24.06
C THR C 58 -23.26 24.50 25.02
N THR C 59 -22.53 25.62 25.01
CA THR C 59 -21.37 25.81 25.88
C THR C 59 -21.71 25.90 27.39
N SER C 60 -22.97 26.19 27.71
CA SER C 60 -23.45 26.23 29.09
C SER C 60 -23.93 24.85 29.58
N ARG C 61 -24.87 24.25 28.85
CA ARG C 61 -25.52 22.99 29.24
C ARG C 61 -24.58 21.78 29.30
N HIS C 62 -23.39 21.90 28.70
CA HIS C 62 -22.41 20.80 28.66
C HIS C 62 -20.98 21.33 28.91
N ASN C 63 -20.12 20.49 29.49
CA ASN C 63 -18.69 20.81 29.68
C ASN C 63 -17.80 19.98 28.76
N PHE C 64 -17.58 20.50 27.56
CA PHE C 64 -16.81 19.81 26.52
C PHE C 64 -15.40 19.29 26.91
N PRO C 65 -14.57 20.14 27.57
CA PRO C 65 -13.17 19.75 27.84
C PRO C 65 -12.96 18.44 28.60
N ALA C 66 -14.01 17.94 29.23
CA ALA C 66 -13.94 16.66 29.95
C ALA C 66 -14.84 15.62 29.29
N LEU C 67 -15.85 16.07 28.57
CA LEU C 67 -16.70 15.19 27.78
C LEU C 67 -15.95 14.62 26.58
N PHE C 68 -15.41 15.52 25.75
CA PHE C 68 -14.81 15.18 24.46
C PHE C 68 -13.32 15.41 24.41
N GLY C 69 -12.69 15.46 25.58
CA GLY C 69 -11.27 15.78 25.70
C GLY C 69 -10.35 14.67 25.26
N ASP C 70 -10.79 13.44 25.45
CA ASP C 70 -9.99 12.27 25.08
C ASP C 70 -10.01 11.94 23.58
N VAL C 71 -10.97 12.51 22.84
CA VAL C 71 -11.14 12.27 21.39
C VAL C 71 -9.87 12.56 20.57
N LYS C 72 -9.43 11.54 19.84
CA LYS C 72 -8.21 11.61 19.02
C LYS C 72 -8.46 11.21 17.55
N PHE C 73 -9.53 10.43 17.36
CA PHE C 73 -9.95 10.03 16.02
C PHE C 73 -11.44 10.36 15.82
N VAL C 74 -11.76 10.98 14.70
CA VAL C 74 -13.13 11.28 14.34
C VAL C 74 -13.38 10.65 12.98
N CYS C 75 -14.45 9.87 12.86
CA CYS C 75 -14.83 9.31 11.58
C CYS C 75 -16.18 9.86 11.17
N VAL C 76 -16.26 10.38 9.94
CA VAL C 76 -17.49 11.02 9.47
C VAL C 76 -18.02 10.35 8.20
N GLY C 77 -19.34 10.32 8.04
CA GLY C 77 -19.98 9.68 6.90
C GLY C 77 -21.44 10.05 6.83
N GLY C 78 -22.01 9.98 5.63
CA GLY C 78 -23.36 10.47 5.38
C GLY C 78 -24.45 9.99 6.32
N SER C 79 -24.48 8.68 6.56
CA SER C 79 -25.58 8.01 7.24
C SER C 79 -25.38 7.81 8.73
N PRO C 80 -26.38 8.19 9.54
CA PRO C 80 -26.38 7.98 11.01
C PRO C 80 -26.21 6.53 11.42
N SER C 81 -26.89 5.62 10.71
CA SER C 81 -26.78 4.19 11.02
C SER C 81 -25.42 3.59 10.62
N ARG C 82 -24.85 4.01 9.50
CA ARG C 82 -23.51 3.59 9.12
C ARG C 82 -22.51 4.06 10.18
N MET C 83 -22.70 5.29 10.69
CA MET C 83 -21.82 5.82 11.73
C MET C 83 -21.97 5.14 13.11
N LYS C 84 -23.17 4.66 13.41
CA LYS C 84 -23.35 3.76 14.55
C LYS C 84 -22.74 2.39 14.26
N ALA C 85 -22.96 1.88 13.05
CA ALA C 85 -22.29 0.64 12.61
C ALA C 85 -20.79 0.70 12.83
N PHE C 86 -20.20 1.86 12.50
CA PHE C 86 -18.77 2.08 12.63
C PHE C 86 -18.31 2.15 14.08
N ILE C 87 -19.08 2.83 14.91
CA ILE C 87 -18.74 2.96 16.32
C ILE C 87 -18.77 1.62 17.04
N ARG C 88 -19.73 0.75 16.70
CA ARG C 88 -19.79 -0.60 17.27
C ARG C 88 -18.59 -1.42 16.78
N CYS C 89 -18.24 -1.22 15.52
CA CYS C 89 -17.14 -1.91 14.88
C CYS C 89 -15.79 -1.58 15.55
N VAL C 90 -15.45 -0.30 15.61
CA VAL C 90 -14.27 0.18 16.32
C VAL C 90 -14.31 -0.27 17.77
N GLY C 91 -15.51 -0.28 18.37
CA GLY C 91 -15.67 -0.71 19.76
C GLY C 91 -15.19 -2.13 20.01
N ALA C 92 -15.58 -3.03 19.12
CA ALA C 92 -15.12 -4.42 19.18
C ALA C 92 -13.60 -4.50 18.98
N GLU C 93 -13.12 -3.92 17.88
CA GLU C 93 -11.69 -3.86 17.57
C GLU C 93 -10.85 -3.40 18.73
N LEU C 94 -11.31 -2.38 19.46
CA LEU C 94 -10.54 -1.79 20.55
C LEU C 94 -10.72 -2.53 21.88
N GLY C 95 -11.59 -3.53 21.88
CA GLY C 95 -11.84 -4.34 23.07
C GLY C 95 -12.66 -3.64 24.13
N LEU C 96 -13.45 -2.65 23.70
CA LEU C 96 -14.33 -1.88 24.61
C LEU C 96 -15.78 -2.29 24.40
N ASP C 97 -15.96 -3.45 23.79
CA ASP C 97 -17.27 -4.01 23.49
C ASP C 97 -17.77 -4.82 24.70
N CYS C 98 -18.44 -4.14 25.64
CA CYS C 98 -19.00 -4.79 26.81
C CYS C 98 -20.35 -5.46 26.47
N PRO C 99 -20.72 -6.53 27.22
CA PRO C 99 -21.97 -7.26 26.96
C PRO C 99 -23.23 -6.37 26.94
N GLY C 100 -24.09 -6.59 25.95
CA GLY C 100 -25.43 -5.97 25.90
C GLY C 100 -25.52 -4.53 25.44
N ARG C 101 -24.86 -3.63 26.18
CA ARG C 101 -25.07 -2.17 26.09
C ARG C 101 -24.69 -1.48 24.78
N ASP C 102 -25.42 -0.40 24.49
CA ASP C 102 -25.32 0.32 23.23
C ASP C 102 -24.54 1.64 23.35
N TYR C 103 -24.54 2.39 22.26
CA TYR C 103 -23.88 3.67 22.19
C TYR C 103 -24.96 4.71 21.92
N PRO C 104 -25.13 5.68 22.84
CA PRO C 104 -26.18 6.67 22.69
C PRO C 104 -25.85 7.79 21.69
N ASN C 105 -26.86 8.17 20.89
CA ASN C 105 -26.78 9.33 20.00
C ASN C 105 -26.65 10.61 20.81
N ILE C 106 -25.46 11.20 20.82
CA ILE C 106 -25.19 12.42 21.58
C ILE C 106 -26.12 13.59 21.14
N CYS C 107 -26.50 13.58 19.85
CA CYS C 107 -27.40 14.58 19.28
C CYS C 107 -28.84 14.06 19.16
N ALA C 108 -29.28 13.31 20.16
CA ALA C 108 -30.66 12.84 20.26
C ALA C 108 -31.55 14.05 20.57
N GLY C 109 -32.77 14.04 20.04
CA GLY C 109 -33.65 15.21 20.09
C GLY C 109 -33.41 16.18 18.94
N THR C 110 -32.77 15.65 17.89
CA THR C 110 -32.53 16.35 16.62
C THR C 110 -32.37 15.26 15.54
N ASP C 111 -32.73 15.59 14.32
CA ASP C 111 -32.56 14.64 13.23
C ASP C 111 -31.66 15.19 12.10
N ARG C 112 -30.75 16.09 12.46
CA ARG C 112 -29.80 16.65 11.49
C ARG C 112 -28.58 15.74 11.35
N TYR C 113 -27.95 15.46 12.49
CA TYR C 113 -26.71 14.70 12.59
C TYR C 113 -26.73 13.83 13.84
N ALA C 114 -26.24 12.62 13.71
CA ALA C 114 -26.07 11.72 14.84
C ALA C 114 -24.60 11.62 15.20
N MET C 115 -24.34 11.34 16.47
CA MET C 115 -22.98 11.36 16.97
C MET C 115 -22.81 10.31 18.06
N TYR C 116 -21.76 9.49 17.93
CA TYR C 116 -21.48 8.43 18.91
C TYR C 116 -20.04 8.53 19.40
N LYS C 117 -19.70 7.79 20.45
CA LYS C 117 -18.36 7.85 21.05
C LYS C 117 -17.97 6.58 21.80
N VAL C 118 -16.78 6.05 21.48
CA VAL C 118 -16.21 4.91 22.21
C VAL C 118 -14.73 5.14 22.44
N GLY C 119 -14.37 5.51 23.67
CA GLY C 119 -13.01 5.90 23.99
C GLY C 119 -12.63 7.18 23.26
N PRO C 120 -11.42 7.21 22.67
CA PRO C 120 -10.94 8.38 21.95
C PRO C 120 -11.47 8.49 20.52
N VAL C 121 -12.49 7.69 20.17
CA VAL C 121 -13.08 7.73 18.83
C VAL C 121 -14.46 8.40 18.81
N LEU C 122 -14.63 9.33 17.89
CA LEU C 122 -15.92 9.94 17.64
C LEU C 122 -16.46 9.54 16.26
N SER C 123 -17.76 9.33 16.17
CA SER C 123 -18.42 9.00 14.91
C SER C 123 -19.52 10.02 14.66
N VAL C 124 -19.49 10.70 13.50
CA VAL C 124 -20.49 11.75 13.21
C VAL C 124 -21.08 11.58 11.81
N SER C 125 -22.40 11.73 11.68
CA SER C 125 -23.05 11.69 10.37
C SER C 125 -23.12 13.09 9.79
N HIS C 126 -23.22 13.20 8.47
CA HIS C 126 -23.11 14.51 7.82
C HIS C 126 -24.04 14.74 6.63
N GLY C 127 -24.84 13.73 6.26
CA GLY C 127 -25.83 13.92 5.20
C GLY C 127 -25.20 14.04 3.82
N MET C 128 -25.96 14.51 2.84
CA MET C 128 -25.50 14.57 1.46
C MET C 128 -25.16 15.97 1.02
N GLY C 129 -23.92 16.11 0.56
CA GLY C 129 -23.47 17.30 -0.09
C GLY C 129 -22.69 18.24 0.79
N ILE C 130 -22.02 19.15 0.09
CA ILE C 130 -21.19 20.24 0.63
C ILE C 130 -21.85 21.11 1.74
N PRO C 131 -23.04 21.69 1.48
CA PRO C 131 -23.73 22.48 2.52
C PRO C 131 -24.01 21.67 3.80
N SER C 132 -24.44 20.43 3.63
CA SER C 132 -24.77 19.58 4.76
C SER C 132 -23.55 19.17 5.58
N ILE C 133 -22.44 18.81 4.92
CA ILE C 133 -21.24 18.44 5.67
C ILE C 133 -20.60 19.69 6.27
N SER C 134 -20.67 20.82 5.56
CA SER C 134 -20.03 22.05 6.03
C SER C 134 -20.66 22.55 7.32
N ILE C 135 -21.99 22.46 7.42
CA ILE C 135 -22.66 22.89 8.65
C ILE C 135 -22.09 22.07 9.79
N MET C 136 -22.02 20.76 9.60
CA MET C 136 -21.55 19.83 10.62
C MET C 136 -20.11 20.12 11.07
N LEU C 137 -19.23 20.36 10.11
CA LEU C 137 -17.82 20.62 10.41
C LEU C 137 -17.63 21.91 11.23
N HIS C 138 -18.27 23.01 10.82
CA HIS C 138 -18.24 24.26 11.61
C HIS C 138 -18.49 23.96 13.08
N GLU C 139 -19.60 23.28 13.36
CA GLU C 139 -19.98 22.95 14.75
C GLU C 139 -19.15 21.86 15.42
N LEU C 140 -18.75 20.85 14.64
CA LEU C 140 -17.83 19.81 15.13
C LEU C 140 -16.47 20.37 15.50
N ILE C 141 -15.89 21.20 14.63
CA ILE C 141 -14.59 21.81 14.89
C ILE C 141 -14.64 22.70 16.15
N LYS C 142 -15.70 23.52 16.27
CA LYS C 142 -15.93 24.30 17.50
C LYS C 142 -16.06 23.40 18.72
N LEU C 143 -16.89 22.38 18.61
CA LEU C 143 -17.04 21.38 19.65
C LEU C 143 -15.69 20.83 20.13
N LEU C 144 -14.77 20.64 19.19
CA LEU C 144 -13.43 20.13 19.50
C LEU C 144 -12.46 21.21 19.99
N TYR C 145 -12.68 22.45 19.56
CA TYR C 145 -11.91 23.57 20.11
C TYR C 145 -12.23 23.72 21.61
N TYR C 146 -13.54 23.80 21.95
CA TYR C 146 -14.02 23.93 23.33
C TYR C 146 -13.61 22.77 24.22
N ALA C 147 -13.48 21.59 23.62
CA ALA C 147 -13.07 20.39 24.34
C ALA C 147 -11.56 20.32 24.49
N ARG C 148 -10.88 21.36 24.00
CA ARG C 148 -9.43 21.50 24.08
C ARG C 148 -8.66 20.32 23.48
N CYS C 149 -9.16 19.83 22.35
CA CYS C 149 -8.60 18.66 21.69
C CYS C 149 -7.33 19.02 20.93
N SER C 150 -6.41 18.06 20.84
CA SER C 150 -5.20 18.23 20.05
C SER C 150 -4.83 16.91 19.34
N ASN C 151 -3.94 16.99 18.35
CA ASN C 151 -3.56 15.85 17.52
C ASN C 151 -4.76 14.98 17.11
N VAL C 152 -5.78 15.62 16.53
CA VAL C 152 -7.01 14.94 16.10
C VAL C 152 -6.92 14.52 14.63
N THR C 153 -7.25 13.26 14.38
CA THR C 153 -7.31 12.70 13.04
C THR C 153 -8.77 12.49 12.66
N ILE C 154 -9.13 13.00 11.47
CA ILE C 154 -10.49 12.96 10.97
C ILE C 154 -10.54 12.29 9.58
N ILE C 155 -11.35 11.25 9.48
CA ILE C 155 -11.40 10.49 8.25
C ILE C 155 -12.84 10.40 7.79
N ARG C 156 -13.10 10.88 6.57
CA ARG C 156 -14.39 10.66 5.94
C ARG C 156 -14.40 9.32 5.22
N ILE C 157 -15.36 8.48 5.59
CA ILE C 157 -15.68 7.25 4.86
C ILE C 157 -16.97 7.41 4.05
N GLY C 158 -17.02 6.80 2.88
CA GLY C 158 -18.22 6.94 2.08
C GLY C 158 -18.16 6.27 0.74
N THR C 159 -19.07 6.69 -0.14
CA THR C 159 -19.18 6.07 -1.42
C THR C 159 -18.87 7.08 -2.50
N SER C 160 -18.64 6.57 -3.71
CA SER C 160 -18.22 7.39 -4.81
C SER C 160 -18.48 6.61 -6.08
N GLY C 161 -18.40 7.28 -7.22
CA GLY C 161 -18.39 6.63 -8.52
C GLY C 161 -16.96 6.56 -8.99
N GLY C 162 -16.54 5.37 -9.44
CA GLY C 162 -15.17 5.17 -9.93
C GLY C 162 -14.96 5.62 -11.36
N ILE C 163 -13.73 6.00 -11.69
CA ILE C 163 -13.36 6.25 -13.10
C ILE C 163 -12.18 5.35 -13.49
N GLY C 164 -12.48 4.27 -14.20
CA GLY C 164 -11.47 3.32 -14.65
C GLY C 164 -11.07 2.36 -13.55
N LEU C 165 -11.97 2.14 -12.59
CA LEU C 165 -11.70 1.24 -11.50
C LEU C 165 -12.85 0.26 -11.44
N GLU C 166 -12.54 -0.97 -11.04
CA GLU C 166 -13.57 -2.00 -10.95
C GLU C 166 -14.45 -1.67 -9.74
N PRO C 167 -15.77 -1.90 -9.85
CA PRO C 167 -16.65 -1.75 -8.69
C PRO C 167 -16.09 -2.41 -7.43
N GLY C 168 -16.24 -1.74 -6.29
CA GLY C 168 -15.80 -2.24 -5.00
C GLY C 168 -14.40 -1.82 -4.62
N THR C 169 -13.75 -1.05 -5.48
CA THR C 169 -12.40 -0.52 -5.21
C THR C 169 -12.41 0.58 -4.13
N VAL C 170 -11.43 0.53 -3.22
CA VAL C 170 -11.33 1.57 -2.21
C VAL C 170 -10.31 2.62 -2.66
N VAL C 171 -10.74 3.89 -2.61
CA VAL C 171 -9.87 5.00 -2.98
C VAL C 171 -9.48 5.78 -1.73
N ILE C 172 -8.18 5.95 -1.53
CA ILE C 172 -7.68 6.88 -0.53
C ILE C 172 -7.38 8.16 -1.30
N THR C 173 -8.11 9.23 -1.00
CA THR C 173 -7.96 10.47 -1.74
C THR C 173 -6.62 11.14 -1.44
N GLU C 174 -5.91 11.52 -2.49
CA GLU C 174 -4.68 12.26 -2.35
C GLU C 174 -5.04 13.73 -2.25
N GLN C 175 -5.76 14.22 -3.26
CA GLN C 175 -6.27 15.60 -3.34
C GLN C 175 -7.75 15.60 -3.66
N ALA C 176 -8.51 16.39 -2.90
CA ALA C 176 -9.90 16.64 -3.23
C ALA C 176 -9.89 17.78 -4.25
N VAL C 177 -10.40 17.48 -5.43
CA VAL C 177 -10.32 18.41 -6.54
C VAL C 177 -11.71 18.84 -7.01
N ASP C 178 -11.76 19.94 -7.74
CA ASP C 178 -13.01 20.43 -8.26
C ASP C 178 -13.27 19.93 -9.66
N THR C 179 -14.26 20.53 -10.31
CA THR C 179 -14.74 20.09 -11.62
C THR C 179 -13.80 20.48 -12.76
N CYS C 180 -12.77 21.25 -12.41
CA CYS C 180 -11.64 21.55 -13.30
C CYS C 180 -10.41 20.74 -12.93
N PHE C 181 -10.59 19.84 -11.96
CA PHE C 181 -9.56 18.90 -11.53
C PHE C 181 -8.44 19.55 -10.72
N LYS C 182 -8.73 20.69 -10.10
CA LYS C 182 -7.73 21.41 -9.31
C LYS C 182 -8.01 21.33 -7.82
N ALA C 183 -6.95 21.31 -7.02
CA ALA C 183 -7.04 21.19 -5.55
C ALA C 183 -7.56 22.48 -4.88
N GLU C 184 -8.75 22.89 -5.27
CA GLU C 184 -9.37 24.14 -4.82
C GLU C 184 -10.83 23.97 -4.39
N PHE C 185 -11.19 24.65 -3.32
CA PHE C 185 -12.58 24.77 -2.94
C PHE C 185 -13.02 26.25 -3.00
N GLU C 186 -13.90 26.54 -3.95
CA GLU C 186 -14.48 27.88 -4.09
C GLU C 186 -15.78 27.99 -3.30
N GLN C 187 -15.91 29.05 -2.51
CA GLN C 187 -17.17 29.39 -1.87
C GLN C 187 -17.47 30.89 -1.94
N ILE C 188 -18.73 31.26 -1.68
CA ILE C 188 -19.13 32.66 -1.67
C ILE C 188 -19.20 33.17 -0.23
N VAL C 189 -18.42 34.22 0.06
CA VAL C 189 -18.49 34.88 1.36
C VAL C 189 -18.82 36.36 1.11
N LEU C 190 -19.98 36.78 1.64
CA LEU C 190 -20.57 38.12 1.41
C LEU C 190 -20.61 38.50 -0.06
N GLY C 191 -21.03 37.57 -0.91
CA GLY C 191 -21.17 37.84 -2.33
C GLY C 191 -19.88 37.70 -3.11
N LYS C 192 -18.79 37.40 -2.41
CA LYS C 192 -17.45 37.31 -3.03
C LYS C 192 -16.88 35.89 -3.08
N ARG C 193 -16.39 35.50 -4.27
CA ARG C 193 -15.70 34.22 -4.51
C ARG C 193 -14.39 34.12 -3.72
N VAL C 194 -14.33 33.15 -2.81
CA VAL C 194 -13.17 32.94 -1.95
C VAL C 194 -12.62 31.52 -2.16
N ILE C 195 -11.41 31.43 -2.68
CA ILE C 195 -10.75 30.16 -2.99
C ILE C 195 -9.82 29.72 -1.84
N ARG C 196 -9.99 28.48 -1.41
CA ARG C 196 -9.12 27.85 -0.40
C ARG C 196 -8.58 26.53 -0.95
N LYS C 197 -7.35 26.21 -0.59
CA LYS C 197 -6.73 24.97 -1.05
C LYS C 197 -7.29 23.78 -0.29
N THR C 198 -7.44 22.67 -0.99
CA THR C 198 -7.76 21.42 -0.33
C THR C 198 -6.42 20.82 0.09
N ASP C 199 -6.34 20.35 1.33
CA ASP C 199 -5.14 19.72 1.89
C ASP C 199 -5.52 18.43 2.63
N LEU C 200 -5.15 17.29 2.05
CA LEU C 200 -5.32 16.02 2.74
C LEU C 200 -3.94 15.56 3.26
N ASN C 201 -3.88 15.10 4.50
CA ASN C 201 -2.61 14.77 5.17
C ASN C 201 -1.85 13.66 4.45
N LYS C 202 -0.72 14.02 3.83
CA LYS C 202 0.16 13.08 3.08
C LYS C 202 0.62 11.83 3.87
N LYS C 203 1.03 12.04 5.12
CA LYS C 203 1.45 10.96 6.02
C LYS C 203 0.28 10.00 6.28
N LEU C 204 -0.90 10.58 6.39
CA LEU C 204 -2.12 9.82 6.67
C LEU C 204 -2.48 8.89 5.52
N VAL C 205 -2.41 9.40 4.30
CA VAL C 205 -2.58 8.59 3.09
C VAL C 205 -1.65 7.36 3.12
N GLN C 206 -0.39 7.58 3.50
CA GLN C 206 0.60 6.52 3.57
C GLN C 206 0.27 5.45 4.60
N GLU C 207 -0.17 5.85 5.79
CA GLU C 207 -0.58 4.91 6.85
C GLU C 207 -1.79 4.06 6.47
N LEU C 208 -2.79 4.70 5.86
CA LEU C 208 -4.00 4.01 5.44
C LEU C 208 -3.65 3.01 4.37
N LEU C 209 -2.79 3.42 3.46
CA LEU C 209 -2.32 2.56 2.37
C LEU C 209 -1.52 1.39 2.90
N LEU C 210 -0.62 1.67 3.84
CA LEU C 210 0.09 0.64 4.59
C LEU C 210 -0.87 -0.39 5.20
N CYS C 211 -1.85 0.08 5.99
CA CYS C 211 -2.88 -0.83 6.54
C CYS C 211 -3.60 -1.61 5.48
N SER C 212 -3.87 -0.95 4.36
CA SER C 212 -4.56 -1.56 3.24
C SER C 212 -3.78 -2.74 2.63
N ALA C 213 -2.47 -2.55 2.52
CA ALA C 213 -1.53 -3.57 2.03
C ALA C 213 -1.42 -4.73 3.04
N GLU C 214 -1.49 -4.44 4.33
CA GLU C 214 -1.52 -5.48 5.35
C GLU C 214 -2.77 -6.33 5.30
N LEU C 215 -3.95 -5.69 5.27
CA LEU C 215 -5.24 -6.42 5.18
C LEU C 215 -5.41 -7.24 3.91
N SER C 216 -5.10 -6.64 2.77
CA SER C 216 -5.15 -7.32 1.49
C SER C 216 -6.54 -7.89 1.16
N GLU C 217 -7.60 -7.22 1.60
CA GLU C 217 -8.96 -7.74 1.41
C GLU C 217 -9.71 -7.16 0.20
N PHE C 218 -9.10 -6.21 -0.49
CA PHE C 218 -9.72 -5.52 -1.63
C PHE C 218 -8.74 -4.55 -2.30
N THR C 219 -8.92 -4.33 -3.61
CA THR C 219 -8.17 -3.31 -4.33
C THR C 219 -8.30 -1.97 -3.57
N THR C 220 -7.16 -1.31 -3.37
CA THR C 220 -7.11 0.04 -2.85
C THR C 220 -6.17 0.83 -3.74
N VAL C 221 -6.60 2.01 -4.14
CA VAL C 221 -5.76 2.87 -4.95
C VAL C 221 -5.66 4.25 -4.30
N VAL C 222 -4.66 5.03 -4.71
CA VAL C 222 -4.55 6.41 -4.32
C VAL C 222 -4.78 7.26 -5.57
N GLY C 223 -5.67 8.24 -5.46
CA GLY C 223 -5.94 9.12 -6.57
C GLY C 223 -6.67 10.36 -6.09
N ASN C 224 -7.01 11.22 -7.03
CA ASN C 224 -7.78 12.39 -6.70
C ASN C 224 -9.25 12.06 -6.76
N THR C 225 -10.03 12.78 -5.97
CA THR C 225 -11.47 12.58 -5.88
C THR C 225 -12.13 13.88 -6.27
N MET C 226 -13.01 13.82 -7.25
CA MET C 226 -13.63 15.03 -7.73
C MET C 226 -14.97 15.23 -7.06
N CYS C 227 -15.13 16.39 -6.41
CA CYS C 227 -16.31 16.70 -5.60
C CYS C 227 -17.30 17.53 -6.41
N THR C 228 -18.56 17.06 -6.44
CA THR C 228 -19.64 17.73 -7.18
C THR C 228 -20.83 18.18 -6.31
N LEU C 229 -21.55 19.17 -6.82
CA LEU C 229 -22.75 19.70 -6.14
C LEU C 229 -24.04 19.10 -6.70
N ASP C 230 -23.90 18.23 -7.69
CA ASP C 230 -25.03 17.53 -8.27
C ASP C 230 -24.60 16.12 -8.69
N PHE C 231 -25.50 15.17 -8.51
CA PHE C 231 -25.24 13.75 -8.70
C PHE C 231 -25.41 13.32 -10.14
N TYR C 232 -26.34 13.97 -10.85
CA TYR C 232 -26.69 13.58 -12.21
C TYR C 232 -25.98 14.40 -13.27
N GLU C 233 -26.44 15.62 -13.51
CA GLU C 233 -25.76 16.48 -14.46
C GLU C 233 -24.39 16.92 -13.95
N GLY C 234 -24.21 16.96 -12.63
CA GLY C 234 -22.95 17.38 -12.04
C GLY C 234 -21.85 16.34 -12.16
N GLN C 235 -22.24 15.09 -12.40
CA GLN C 235 -21.31 13.97 -12.54
C GLN C 235 -21.34 13.37 -13.96
N GLY C 236 -22.00 14.06 -14.88
CA GLY C 236 -22.02 13.67 -16.29
C GLY C 236 -22.92 12.50 -16.62
N ARG C 237 -23.88 12.19 -15.75
CA ARG C 237 -24.84 11.08 -15.96
C ARG C 237 -25.87 11.38 -17.06
N LEU C 238 -26.40 10.32 -17.67
CA LEU C 238 -27.35 10.49 -18.77
C LEU C 238 -28.78 10.22 -18.32
N ASP C 239 -28.92 9.84 -17.06
CA ASP C 239 -30.17 9.28 -16.56
C ASP C 239 -30.90 10.18 -15.56
N GLY C 240 -30.55 11.46 -15.51
CA GLY C 240 -31.29 12.42 -14.68
C GLY C 240 -32.57 12.90 -15.34
N ALA C 241 -33.33 13.72 -14.61
CA ALA C 241 -34.53 14.41 -15.12
C ALA C 241 -34.17 15.46 -16.18
N LEU C 242 -32.91 15.90 -16.15
CA LEU C 242 -32.36 16.86 -17.11
C LEU C 242 -31.04 16.33 -17.62
N CYS C 243 -30.76 16.56 -18.91
CA CYS C 243 -29.47 16.20 -19.53
C CYS C 243 -29.23 17.02 -20.80
N SER C 244 -28.27 17.94 -20.73
CA SER C 244 -27.93 18.83 -21.84
C SER C 244 -26.70 18.40 -22.66
N TYR C 245 -26.48 17.07 -22.78
CA TYR C 245 -25.25 16.52 -23.42
C TYR C 245 -25.39 15.04 -23.80
N THR C 246 -24.41 14.56 -24.56
CA THR C 246 -24.40 13.17 -25.07
C THR C 246 -23.40 12.28 -24.33
N GLU C 247 -23.49 10.97 -24.59
CA GLU C 247 -22.51 10.02 -24.08
C GLU C 247 -21.07 10.32 -24.50
N LYS C 248 -20.89 10.87 -25.70
CA LYS C 248 -19.57 11.32 -26.16
C LYS C 248 -19.03 12.49 -25.34
N ASP C 249 -19.93 13.39 -24.92
CA ASP C 249 -19.58 14.51 -24.06
C ASP C 249 -19.12 13.98 -22.69
N LYS C 250 -19.94 13.08 -22.14
CA LYS C 250 -19.74 12.44 -20.85
C LYS C 250 -18.38 11.73 -20.83
N GLN C 251 -18.19 10.88 -21.83
CA GLN C 251 -17.01 10.04 -21.97
C GLN C 251 -15.74 10.88 -22.10
N ALA C 252 -15.81 11.96 -22.89
CA ALA C 252 -14.68 12.89 -23.02
C ALA C 252 -14.35 13.63 -21.74
N TYR C 253 -15.36 13.82 -20.87
CA TYR C 253 -15.15 14.58 -19.64
C TYR C 253 -14.55 13.71 -18.54
N LEU C 254 -15.06 12.49 -18.43
CA LEU C 254 -14.53 11.49 -17.50
C LEU C 254 -13.08 11.11 -17.82
N GLU C 255 -12.79 10.94 -19.10
CA GLU C 255 -11.46 10.63 -19.59
C GLU C 255 -10.48 11.77 -19.35
N ALA C 256 -10.94 13.01 -19.55
CA ALA C 256 -10.13 14.19 -19.20
C ALA C 256 -9.91 14.30 -17.69
N ALA C 257 -10.85 13.75 -16.91
CA ALA C 257 -10.73 13.68 -15.45
C ALA C 257 -9.70 12.64 -15.06
N TYR C 258 -9.84 11.44 -15.62
CA TYR C 258 -8.86 10.37 -15.46
C TYR C 258 -7.43 10.85 -15.75
N ALA C 259 -7.23 11.45 -16.92
CA ALA C 259 -5.93 11.99 -17.35
C ALA C 259 -5.38 13.00 -16.36
N ALA C 260 -6.27 13.67 -15.65
CA ALA C 260 -5.85 14.67 -14.68
C ALA C 260 -5.59 14.07 -13.30
N GLY C 261 -5.74 12.75 -13.17
CA GLY C 261 -5.45 12.04 -11.92
C GLY C 261 -6.65 11.60 -11.08
N VAL C 262 -7.85 11.88 -11.57
CA VAL C 262 -9.09 11.60 -10.86
C VAL C 262 -9.47 10.13 -11.03
N ARG C 263 -9.81 9.51 -9.89
CA ARG C 263 -10.16 8.08 -9.85
C ARG C 263 -11.56 7.88 -9.34
N ASN C 264 -12.06 8.84 -8.56
CA ASN C 264 -13.46 8.80 -8.15
C ASN C 264 -14.20 10.14 -8.04
N ILE C 265 -15.52 10.04 -7.93
CA ILE C 265 -16.40 11.22 -7.83
C ILE C 265 -17.43 11.05 -6.73
N GLU C 266 -17.50 12.07 -5.88
CA GLU C 266 -18.44 12.09 -4.77
C GLU C 266 -18.76 13.55 -4.43
N MET C 267 -19.38 13.76 -3.28
CA MET C 267 -20.04 15.04 -3.06
C MET C 267 -19.70 15.82 -1.78
N GLU C 268 -18.77 15.31 -0.96
CA GLU C 268 -18.42 15.99 0.30
C GLU C 268 -16.93 16.31 0.56
N SER C 269 -16.03 15.72 -0.22
CA SER C 269 -14.59 15.76 0.12
C SER C 269 -13.92 17.13 0.12
N SER C 270 -14.28 17.99 -0.83
CA SER C 270 -13.59 19.27 -1.01
C SER C 270 -13.72 20.24 0.18
N VAL C 271 -14.94 20.46 0.67
CA VAL C 271 -15.13 21.36 1.80
C VAL C 271 -14.52 20.74 3.06
N PHE C 272 -14.58 19.41 3.14
CA PHE C 272 -13.95 18.65 4.23
C PHE C 272 -12.43 18.89 4.21
N ALA C 273 -11.80 18.69 3.04
CA ALA C 273 -10.37 18.88 2.86
C ALA C 273 -9.92 20.32 3.14
N ALA C 274 -10.66 21.31 2.60
CA ALA C 274 -10.44 22.73 2.88
C ALA C 274 -10.57 23.09 4.37
N MET C 275 -11.62 22.63 5.02
CA MET C 275 -11.87 23.05 6.40
C MET C 275 -10.94 22.43 7.44
N CYS C 276 -10.73 21.13 7.34
CA CYS C 276 -10.16 20.37 8.45
C CYS C 276 -8.70 20.70 8.77
N SER C 277 -7.91 20.92 7.74
CA SER C 277 -6.50 21.21 7.91
C SER C 277 -6.32 22.68 8.28
N ALA C 278 -7.18 23.54 7.72
CA ALA C 278 -7.23 24.95 8.10
C ALA C 278 -7.24 25.08 9.64
N CYS C 279 -7.87 24.12 10.31
CA CYS C 279 -8.04 24.13 11.76
C CYS C 279 -7.17 23.15 12.55
N GLY C 280 -6.19 22.51 11.91
CA GLY C 280 -5.21 21.69 12.63
C GLY C 280 -5.68 20.29 12.93
N LEU C 281 -6.58 19.79 12.10
CA LEU C 281 -6.96 18.39 12.13
C LEU C 281 -6.23 17.74 10.97
N GLN C 282 -5.78 16.50 11.16
CA GLN C 282 -5.17 15.76 10.06
C GLN C 282 -6.27 14.94 9.41
N ALA C 283 -6.47 15.14 8.12
CA ALA C 283 -7.66 14.69 7.43
C ALA C 283 -7.39 13.72 6.30
N ALA C 284 -8.31 12.77 6.11
CA ALA C 284 -8.28 11.83 5.02
C ALA C 284 -9.69 11.53 4.50
N VAL C 285 -9.78 11.16 3.24
CA VAL C 285 -11.03 10.68 2.70
C VAL C 285 -10.77 9.26 2.17
N VAL C 286 -11.64 8.34 2.57
CA VAL C 286 -11.60 6.96 2.09
C VAL C 286 -12.99 6.52 1.62
N CYS C 287 -13.16 6.44 0.29
CA CYS C 287 -14.42 6.05 -0.32
C CYS C 287 -14.29 4.77 -1.14
N VAL C 288 -15.33 3.93 -1.12
CA VAL C 288 -15.42 2.78 -2.02
C VAL C 288 -16.08 3.25 -3.31
N THR C 289 -15.83 2.55 -4.42
CA THR C 289 -16.52 2.88 -5.67
C THR C 289 -17.69 1.90 -5.78
N LEU C 290 -18.84 2.36 -6.29
CA LEU C 290 -20.04 1.49 -6.42
C LEU C 290 -20.24 1.00 -7.85
N LEU C 291 -19.62 1.67 -8.81
CA LEU C 291 -19.71 1.33 -10.22
C LEU C 291 -18.52 1.95 -10.94
N ASN C 292 -18.29 1.52 -12.19
CA ASN C 292 -17.32 2.17 -13.07
C ASN C 292 -18.09 3.11 -13.95
N ARG C 293 -17.85 4.41 -13.80
CA ARG C 293 -18.66 5.39 -14.49
C ARG C 293 -18.39 5.43 -16.01
N LEU C 294 -17.26 4.87 -16.43
CA LEU C 294 -16.93 4.76 -17.84
C LEU C 294 -17.87 3.77 -18.53
N GLU C 295 -18.49 2.91 -17.73
CA GLU C 295 -19.37 1.85 -18.24
C GLU C 295 -20.85 2.04 -17.88
N GLY C 296 -21.16 3.12 -17.19
CA GLY C 296 -22.56 3.38 -16.85
C GLY C 296 -22.80 4.49 -15.87
N ASP C 297 -24.05 4.53 -15.39
CA ASP C 297 -24.58 5.59 -14.56
C ASP C 297 -25.43 4.98 -13.46
N GLN C 298 -26.20 3.96 -13.82
CA GLN C 298 -27.12 3.29 -12.89
C GLN C 298 -26.36 2.49 -11.84
N ILE C 299 -26.87 2.52 -10.61
CA ILE C 299 -26.30 1.72 -9.53
C ILE C 299 -27.18 0.50 -9.35
N SER C 300 -26.74 -0.58 -9.98
CA SER C 300 -27.53 -1.79 -10.20
C SER C 300 -26.87 -3.08 -9.73
N SER C 301 -26.04 -3.00 -8.69
CA SER C 301 -25.54 -4.19 -8.03
C SER C 301 -26.59 -4.52 -6.98
N PRO C 302 -26.79 -5.82 -6.66
CA PRO C 302 -27.76 -6.17 -5.61
C PRO C 302 -27.42 -5.55 -4.24
N ARG C 303 -28.44 -5.27 -3.44
CA ARG C 303 -28.23 -4.63 -2.16
C ARG C 303 -27.11 -5.26 -1.33
N ASN C 304 -26.94 -6.58 -1.44
CA ASN C 304 -25.97 -7.30 -0.60
C ASN C 304 -24.53 -7.07 -1.05
N VAL C 305 -24.35 -6.89 -2.36
CA VAL C 305 -23.05 -6.54 -2.95
C VAL C 305 -22.63 -5.10 -2.60
N LEU C 306 -23.59 -4.17 -2.67
CA LEU C 306 -23.35 -2.78 -2.29
C LEU C 306 -23.05 -2.70 -0.81
N SER C 307 -23.73 -3.52 0.00
CA SER C 307 -23.50 -3.55 1.44
C SER C 307 -22.11 -4.03 1.76
N GLU C 308 -21.63 -4.99 0.97
CA GLU C 308 -20.26 -5.50 1.09
C GLU C 308 -19.24 -4.43 0.68
N TYR C 309 -19.50 -3.71 -0.40
CA TYR C 309 -18.67 -2.57 -0.79
C TYR C 309 -18.65 -1.46 0.27
N GLN C 310 -19.82 -1.14 0.82
CA GLN C 310 -20.01 -0.04 1.75
C GLN C 310 -19.26 -0.28 3.06
N GLN C 311 -19.04 -1.55 3.43
CA GLN C 311 -18.30 -1.86 4.66
C GLN C 311 -16.77 -1.81 4.54
N ARG C 312 -16.26 -1.71 3.30
CA ARG C 312 -14.81 -1.72 3.06
C ARG C 312 -14.05 -0.52 3.66
N PRO C 313 -14.54 0.73 3.48
CA PRO C 313 -13.87 1.86 4.12
C PRO C 313 -13.86 1.80 5.66
N GLN C 314 -14.93 1.24 6.23
CA GLN C 314 -15.06 1.00 7.66
C GLN C 314 -14.04 -0.01 8.13
N ARG C 315 -13.98 -1.15 7.45
CA ARG C 315 -12.98 -2.18 7.72
C ARG C 315 -11.58 -1.55 7.70
N LEU C 316 -11.25 -0.83 6.63
CA LEU C 316 -9.96 -0.14 6.57
C LEU C 316 -9.72 0.82 7.73
N VAL C 317 -10.68 1.73 7.97
CA VAL C 317 -10.50 2.79 8.96
C VAL C 317 -10.54 2.29 10.40
N SER C 318 -11.45 1.36 10.72
CA SER C 318 -11.43 0.78 12.06
C SER C 318 -10.12 -0.02 12.33
N TYR C 319 -9.59 -0.66 11.29
CA TYR C 319 -8.28 -1.35 11.35
C TYR C 319 -7.12 -0.35 11.58
N PHE C 320 -7.13 0.73 10.82
CA PHE C 320 -6.18 1.83 11.00
C PHE C 320 -6.17 2.34 12.44
N ILE C 321 -7.35 2.57 13.00
CA ILE C 321 -7.45 3.12 14.36
C ILE C 321 -6.97 2.12 15.42
N LYS C 322 -7.46 0.88 15.36
CA LYS C 322 -6.95 -0.19 16.23
C LYS C 322 -5.42 -0.25 16.19
N LYS C 323 -4.85 -0.14 14.99
CA LYS C 323 -3.40 -0.19 14.79
C LYS C 323 -2.68 0.97 15.47
N LYS C 324 -3.30 2.14 15.50
CA LYS C 324 -2.68 3.31 16.13
C LYS C 324 -2.71 3.18 17.64
N LEU C 325 -3.82 2.67 18.18
CA LEU C 325 -3.98 2.53 19.63
C LEU C 325 -3.52 1.16 20.17
N SER C 326 -2.70 0.45 19.39
CA SER C 326 -2.08 -0.79 19.85
C SER C 326 -0.58 -0.63 20.10
N ASP D 34 -54.63 19.36 -17.59
CA ASP D 34 -53.85 20.15 -18.59
C ASP D 34 -52.34 19.79 -18.62
N CYS D 35 -51.52 20.47 -17.80
CA CYS D 35 -50.04 20.40 -17.89
C CYS D 35 -49.33 19.15 -17.32
N PRO D 36 -48.79 18.29 -18.19
CA PRO D 36 -48.11 17.07 -17.76
C PRO D 36 -46.63 17.25 -17.35
N VAL D 37 -46.23 16.55 -16.29
CA VAL D 37 -44.83 16.49 -15.88
C VAL D 37 -44.00 16.01 -17.08
N ARG D 38 -42.95 16.76 -17.38
CA ARG D 38 -42.03 16.41 -18.47
C ARG D 38 -40.59 16.23 -17.95
N LEU D 39 -39.76 15.57 -18.74
CA LEU D 39 -38.31 15.56 -18.49
C LEU D 39 -37.64 16.31 -19.64
N LEU D 40 -36.42 16.79 -19.40
CA LEU D 40 -35.63 17.39 -20.48
C LEU D 40 -34.41 16.53 -20.75
N ASN D 41 -34.71 15.25 -21.03
CA ASN D 41 -33.71 14.22 -21.21
C ASN D 41 -34.15 13.16 -22.24
N PRO D 42 -33.55 13.18 -23.45
CA PRO D 42 -33.82 12.23 -24.54
C PRO D 42 -33.41 10.79 -24.24
N ASN D 43 -32.44 10.62 -23.34
CA ASN D 43 -31.88 9.31 -23.00
C ASN D 43 -32.81 8.40 -22.20
N ILE D 44 -33.83 9.01 -21.60
CA ILE D 44 -34.73 8.29 -20.71
C ILE D 44 -35.60 7.28 -21.47
N ALA D 45 -36.16 7.73 -22.60
CA ALA D 45 -36.95 6.87 -23.49
C ALA D 45 -36.23 5.55 -23.79
N LYS D 46 -34.96 5.66 -24.18
CA LYS D 46 -34.08 4.54 -24.56
C LYS D 46 -33.69 3.56 -23.43
N MET D 47 -33.90 3.96 -22.17
CA MET D 47 -33.59 3.10 -21.03
C MET D 47 -34.64 2.01 -20.85
N LYS D 48 -34.19 0.79 -20.65
CA LYS D 48 -35.10 -0.33 -20.46
C LYS D 48 -35.72 -0.29 -19.07
N GLU D 49 -34.88 -0.11 -18.06
CA GLU D 49 -35.34 0.15 -16.70
C GLU D 49 -34.63 1.37 -16.09
N ASP D 50 -35.18 1.86 -14.97
CA ASP D 50 -34.57 2.95 -14.24
C ASP D 50 -34.64 2.72 -12.72
N ILE D 51 -33.48 2.79 -12.08
CA ILE D 51 -33.39 2.71 -10.61
C ILE D 51 -33.32 4.12 -9.99
N LEU D 52 -34.32 4.43 -9.19
CA LEU D 52 -34.28 5.61 -8.37
C LEU D 52 -33.53 5.19 -7.12
N TYR D 53 -32.20 5.19 -7.25
CA TYR D 53 -31.27 4.70 -6.23
C TYR D 53 -31.47 5.28 -4.85
N HIS D 54 -31.69 6.59 -4.75
CA HIS D 54 -31.87 7.22 -3.43
C HIS D 54 -33.26 7.01 -2.86
N PHE D 55 -34.18 6.60 -3.72
CA PHE D 55 -35.55 6.30 -3.33
C PHE D 55 -35.77 4.81 -3.10
N ASN D 56 -34.88 3.98 -3.63
CA ASN D 56 -35.05 2.51 -3.57
C ASN D 56 -36.31 2.10 -4.32
N LEU D 57 -36.56 2.77 -5.43
CA LEU D 57 -37.71 2.50 -6.26
C LEU D 57 -37.22 2.25 -7.68
N THR D 58 -37.76 1.19 -8.29
CA THR D 58 -37.41 0.83 -9.67
C THR D 58 -38.68 0.62 -10.50
N THR D 59 -38.56 0.89 -11.81
CA THR D 59 -39.66 0.74 -12.74
C THR D 59 -40.05 -0.73 -12.98
N SER D 60 -39.17 -1.66 -12.59
CA SER D 60 -39.41 -3.10 -12.75
C SER D 60 -40.03 -3.76 -11.51
N ARG D 61 -39.78 -3.20 -10.33
CA ARG D 61 -40.45 -3.66 -9.12
C ARG D 61 -41.71 -2.82 -8.84
N HIS D 62 -41.72 -1.57 -9.31
CA HIS D 62 -42.78 -0.65 -8.95
C HIS D 62 -43.60 -0.15 -10.14
N ASN D 63 -44.91 -0.14 -9.94
CA ASN D 63 -45.87 0.38 -10.89
C ASN D 63 -46.14 1.85 -10.52
N PHE D 64 -45.50 2.77 -11.25
CA PHE D 64 -45.54 4.19 -10.88
C PHE D 64 -46.90 4.87 -11.11
N PRO D 65 -47.55 4.60 -12.27
CA PRO D 65 -48.89 5.13 -12.47
C PRO D 65 -49.84 4.76 -11.33
N ALA D 66 -49.84 3.49 -10.92
CA ALA D 66 -50.75 3.01 -9.87
C ALA D 66 -50.38 3.51 -8.48
N LEU D 67 -49.09 3.69 -8.24
CA LEU D 67 -48.63 4.22 -6.96
C LEU D 67 -48.79 5.75 -6.83
N PHE D 68 -48.63 6.47 -7.95
CA PHE D 68 -48.43 7.91 -7.88
C PHE D 68 -49.26 8.74 -8.89
N GLY D 69 -50.05 8.06 -9.72
CA GLY D 69 -50.70 8.70 -10.86
C GLY D 69 -51.63 9.84 -10.49
N ASP D 70 -52.21 9.72 -9.29
CA ASP D 70 -53.26 10.63 -8.81
C ASP D 70 -52.72 11.85 -8.02
N VAL D 71 -51.39 11.93 -7.86
CA VAL D 71 -50.75 13.02 -7.10
C VAL D 71 -50.83 14.34 -7.85
N LYS D 72 -51.43 15.32 -7.19
CA LYS D 72 -51.58 16.67 -7.73
C LYS D 72 -50.81 17.65 -6.88
N PHE D 73 -50.52 17.26 -5.64
CA PHE D 73 -49.83 18.14 -4.71
C PHE D 73 -48.62 17.45 -4.07
N VAL D 74 -47.46 18.09 -4.14
CA VAL D 74 -46.26 17.60 -3.46
C VAL D 74 -45.73 18.67 -2.50
N CYS D 75 -45.59 18.30 -1.24
CA CYS D 75 -44.94 19.17 -0.28
C CYS D 75 -43.62 18.55 0.14
N VAL D 76 -42.57 19.38 0.12
CA VAL D 76 -41.20 18.96 0.37
C VAL D 76 -40.55 19.88 1.39
N GLY D 77 -39.73 19.29 2.27
CA GLY D 77 -39.06 20.00 3.34
C GLY D 77 -37.89 19.15 3.82
N GLY D 78 -37.18 19.62 4.84
CA GLY D 78 -35.88 19.04 5.22
C GLY D 78 -35.97 17.70 5.94
N SER D 79 -36.85 17.64 6.92
CA SER D 79 -36.91 16.55 7.88
C SER D 79 -37.97 15.51 7.54
N PRO D 80 -37.62 14.21 7.60
CA PRO D 80 -38.61 13.12 7.50
C PRO D 80 -39.78 13.26 8.49
N SER D 81 -39.49 13.61 9.74
CA SER D 81 -40.54 13.70 10.76
C SER D 81 -41.42 14.93 10.57
N ARG D 82 -40.82 16.01 10.06
CA ARG D 82 -41.58 17.19 9.62
C ARG D 82 -42.56 16.74 8.54
N MET D 83 -42.08 16.00 7.56
CA MET D 83 -42.89 15.59 6.41
C MET D 83 -43.94 14.52 6.71
N LYS D 84 -43.69 13.68 7.71
CA LYS D 84 -44.71 12.74 8.17
C LYS D 84 -45.80 13.50 8.94
N ALA D 85 -45.39 14.47 9.74
CA ALA D 85 -46.31 15.34 10.47
C ALA D 85 -47.14 16.20 9.52
N PHE D 86 -46.55 16.55 8.37
CA PHE D 86 -47.29 17.29 7.36
C PHE D 86 -48.37 16.45 6.67
N ILE D 87 -48.04 15.23 6.28
CA ILE D 87 -49.00 14.33 5.62
C ILE D 87 -50.18 14.00 6.56
N ARG D 88 -49.86 13.83 7.84
CA ARG D 88 -50.85 13.56 8.86
C ARG D 88 -51.78 14.77 9.04
N CYS D 89 -51.19 15.97 8.94
CA CYS D 89 -51.91 17.22 9.06
C CYS D 89 -52.88 17.45 7.89
N VAL D 90 -52.36 17.35 6.67
CA VAL D 90 -53.16 17.51 5.46
C VAL D 90 -54.21 16.37 5.29
N GLY D 91 -53.90 15.19 5.81
CA GLY D 91 -54.83 14.05 5.84
C GLY D 91 -56.05 14.35 6.69
N ALA D 92 -55.83 14.86 7.89
CA ALA D 92 -56.88 15.39 8.76
C ALA D 92 -57.69 16.52 8.11
N GLU D 93 -56.99 17.46 7.45
CA GLU D 93 -57.63 18.57 6.72
C GLU D 93 -58.61 18.06 5.69
N LEU D 94 -58.19 17.04 4.94
CA LEU D 94 -58.98 16.48 3.85
C LEU D 94 -59.96 15.41 4.33
N GLY D 95 -60.11 15.30 5.64
CA GLY D 95 -61.06 14.38 6.27
C GLY D 95 -60.75 12.94 5.92
N LEU D 96 -59.46 12.66 5.77
CA LEU D 96 -58.98 11.32 5.46
C LEU D 96 -58.24 10.75 6.69
N ASP D 97 -58.45 11.40 7.82
CA ASP D 97 -57.84 11.00 9.08
C ASP D 97 -58.70 9.94 9.79
N CYS D 98 -58.45 8.68 9.45
CA CYS D 98 -59.17 7.56 10.07
C CYS D 98 -58.57 7.24 11.46
N PRO D 99 -59.38 6.65 12.36
CA PRO D 99 -58.95 6.31 13.73
C PRO D 99 -57.69 5.45 13.79
N GLY D 100 -56.76 5.81 14.68
CA GLY D 100 -55.59 4.98 14.98
C GLY D 100 -54.44 5.01 13.99
N ARG D 101 -54.70 4.60 12.74
CA ARG D 101 -53.62 4.22 11.80
C ARG D 101 -52.76 5.33 11.20
N ASP D 102 -51.50 4.95 10.89
CA ASP D 102 -50.50 5.91 10.44
C ASP D 102 -50.12 5.82 8.95
N TYR D 103 -48.91 6.28 8.62
CA TYR D 103 -48.49 6.54 7.24
C TYR D 103 -47.13 5.89 6.93
N PRO D 104 -47.12 4.88 6.05
CA PRO D 104 -45.89 4.16 5.76
C PRO D 104 -44.89 4.99 4.93
N ASN D 105 -43.65 5.07 5.42
CA ASN D 105 -42.52 5.58 4.65
C ASN D 105 -42.36 4.76 3.38
N ILE D 106 -42.74 5.35 2.25
CA ILE D 106 -42.70 4.70 0.94
C ILE D 106 -41.27 4.39 0.53
N CYS D 107 -40.32 5.09 1.16
CA CYS D 107 -38.91 4.92 0.88
C CYS D 107 -38.20 4.09 1.95
N ALA D 108 -38.97 3.29 2.69
CA ALA D 108 -38.42 2.39 3.72
C ALA D 108 -37.22 1.55 3.22
N GLY D 109 -36.28 1.26 4.12
CA GLY D 109 -35.05 0.58 3.74
C GLY D 109 -33.89 1.56 3.66
N THR D 110 -34.01 2.52 2.74
CA THR D 110 -33.02 3.60 2.57
C THR D 110 -33.27 4.73 3.57
N ASP D 111 -32.21 5.42 4.00
CA ASP D 111 -32.36 6.52 4.95
C ASP D 111 -31.93 7.89 4.41
N ARG D 112 -32.00 8.06 3.09
CA ARG D 112 -31.69 9.34 2.45
C ARG D 112 -32.89 10.30 2.53
N TYR D 113 -34.02 9.88 1.95
CA TYR D 113 -35.27 10.64 1.94
C TYR D 113 -36.42 9.77 2.41
N ALA D 114 -37.34 10.36 3.18
CA ALA D 114 -38.61 9.71 3.51
C ALA D 114 -39.73 10.24 2.62
N MET D 115 -40.66 9.36 2.24
CA MET D 115 -41.79 9.71 1.37
C MET D 115 -43.11 9.21 1.95
N TYR D 116 -44.14 10.03 1.83
CA TYR D 116 -45.48 9.71 2.34
C TYR D 116 -46.57 10.17 1.37
N LYS D 117 -47.75 9.59 1.51
CA LYS D 117 -48.89 9.93 0.68
C LYS D 117 -50.19 9.88 1.50
N VAL D 118 -51.15 10.68 1.06
CA VAL D 118 -52.54 10.60 1.46
C VAL D 118 -53.33 11.24 0.32
N GLY D 119 -54.12 10.43 -0.38
CA GLY D 119 -54.88 10.91 -1.52
C GLY D 119 -53.96 11.43 -2.59
N PRO D 120 -54.27 12.63 -3.14
CA PRO D 120 -53.47 13.30 -4.18
C PRO D 120 -52.26 14.08 -3.64
N VAL D 121 -51.99 13.95 -2.34
CA VAL D 121 -50.86 14.65 -1.74
C VAL D 121 -49.66 13.70 -1.48
N LEU D 122 -48.51 14.08 -2.04
CA LEU D 122 -47.25 13.44 -1.72
C LEU D 122 -46.43 14.35 -0.79
N SER D 123 -45.66 13.71 0.10
CA SER D 123 -44.84 14.39 1.08
C SER D 123 -43.44 13.81 0.98
N VAL D 124 -42.39 14.65 0.87
CA VAL D 124 -41.00 14.16 0.67
C VAL D 124 -39.91 14.98 1.35
N SER D 125 -39.09 14.33 2.19
CA SER D 125 -37.93 14.98 2.81
C SER D 125 -36.80 15.14 1.81
N HIS D 126 -35.95 16.14 2.05
CA HIS D 126 -34.86 16.43 1.12
C HIS D 126 -33.51 16.72 1.77
N GLY D 127 -33.47 16.72 3.10
CA GLY D 127 -32.25 17.04 3.84
C GLY D 127 -31.79 18.48 3.64
N MET D 128 -30.58 18.76 4.06
CA MET D 128 -30.06 20.13 4.02
C MET D 128 -29.17 20.39 2.80
N GLY D 129 -29.52 21.41 2.04
CA GLY D 129 -28.65 21.92 0.98
C GLY D 129 -29.03 21.57 -0.43
N ILE D 130 -28.46 22.34 -1.34
CA ILE D 130 -28.66 22.24 -2.77
C ILE D 130 -28.41 20.84 -3.37
N PRO D 131 -27.22 20.24 -3.15
CA PRO D 131 -26.95 18.89 -3.69
C PRO D 131 -28.00 17.86 -3.26
N SER D 132 -28.36 17.93 -1.98
CA SER D 132 -29.25 16.99 -1.36
C SER D 132 -30.69 17.05 -1.89
N ILE D 133 -31.23 18.27 -2.03
CA ILE D 133 -32.58 18.44 -2.60
C ILE D 133 -32.56 18.15 -4.10
N SER D 134 -31.47 18.54 -4.75
CA SER D 134 -31.24 18.32 -6.16
C SER D 134 -31.37 16.84 -6.57
N ILE D 135 -30.77 15.95 -5.76
CA ILE D 135 -30.83 14.53 -6.01
C ILE D 135 -32.28 14.08 -5.86
N MET D 136 -32.89 14.46 -4.74
CA MET D 136 -34.30 14.14 -4.49
C MET D 136 -35.18 14.56 -5.69
N LEU D 137 -34.96 15.77 -6.20
CA LEU D 137 -35.73 16.34 -7.30
C LEU D 137 -35.56 15.60 -8.59
N HIS D 138 -34.33 15.27 -8.95
CA HIS D 138 -34.10 14.47 -10.16
C HIS D 138 -34.95 13.22 -10.13
N GLU D 139 -34.99 12.55 -8.99
CA GLU D 139 -35.64 11.25 -8.90
C GLU D 139 -37.15 11.37 -8.70
N LEU D 140 -37.58 12.41 -8.01
CA LEU D 140 -39.01 12.65 -7.81
C LEU D 140 -39.67 13.11 -9.11
N ILE D 141 -39.02 14.00 -9.83
CA ILE D 141 -39.54 14.44 -11.13
C ILE D 141 -39.72 13.25 -12.09
N LYS D 142 -38.70 12.40 -12.22
CA LYS D 142 -38.79 11.13 -12.98
C LYS D 142 -39.89 10.18 -12.48
N LEU D 143 -40.03 10.07 -11.16
CA LEU D 143 -41.15 9.37 -10.53
C LEU D 143 -42.51 9.91 -10.99
N LEU D 144 -42.65 11.23 -11.02
CA LEU D 144 -43.91 11.83 -11.45
C LEU D 144 -44.17 11.64 -12.95
N TYR D 145 -43.12 11.73 -13.75
CA TYR D 145 -43.23 11.44 -15.17
C TYR D 145 -43.62 9.98 -15.45
N TYR D 146 -42.96 9.03 -14.79
CA TYR D 146 -43.29 7.60 -14.94
C TYR D 146 -44.69 7.28 -14.46
N ALA D 147 -45.13 8.02 -13.43
CA ALA D 147 -46.48 7.89 -12.91
C ALA D 147 -47.52 8.56 -13.81
N ARG D 148 -47.04 9.26 -14.85
CA ARG D 148 -47.87 9.97 -15.81
C ARG D 148 -48.66 11.11 -15.19
N CYS D 149 -48.05 11.80 -14.24
CA CYS D 149 -48.73 12.88 -13.54
C CYS D 149 -48.92 14.14 -14.39
N SER D 150 -49.86 14.97 -13.97
CA SER D 150 -50.13 16.25 -14.64
C SER D 150 -50.83 17.20 -13.67
N ASN D 151 -50.69 18.51 -13.95
CA ASN D 151 -51.16 19.60 -13.08
C ASN D 151 -50.68 19.48 -11.64
N VAL D 152 -49.41 19.09 -11.48
CA VAL D 152 -48.82 18.95 -10.17
C VAL D 152 -48.35 20.29 -9.61
N THR D 153 -48.75 20.53 -8.38
CA THR D 153 -48.33 21.66 -7.60
C THR D 153 -47.37 21.11 -6.55
N ILE D 154 -46.13 21.64 -6.56
CA ILE D 154 -45.11 21.23 -5.60
C ILE D 154 -44.65 22.46 -4.79
N ILE D 155 -44.59 22.31 -3.47
CA ILE D 155 -44.33 23.42 -2.58
C ILE D 155 -43.27 23.03 -1.53
N ARG D 156 -42.24 23.87 -1.40
CA ARG D 156 -41.25 23.70 -0.35
C ARG D 156 -41.66 24.45 0.91
N ILE D 157 -41.68 23.74 2.04
CA ILE D 157 -41.86 24.36 3.35
C ILE D 157 -40.56 24.25 4.15
N GLY D 158 -40.27 25.24 4.98
CA GLY D 158 -39.00 25.23 5.70
C GLY D 158 -38.77 26.42 6.62
N THR D 159 -37.50 26.58 7.02
CA THR D 159 -37.09 27.63 7.94
C THR D 159 -36.08 28.52 7.24
N SER D 160 -35.86 29.72 7.79
CA SER D 160 -34.99 30.69 7.13
C SER D 160 -34.51 31.74 8.11
N GLY D 161 -33.51 32.49 7.72
CA GLY D 161 -33.12 33.68 8.47
C GLY D 161 -33.82 34.85 7.80
N GLY D 162 -34.45 35.70 8.61
CA GLY D 162 -35.14 36.88 8.10
C GLY D 162 -34.24 38.09 8.09
N ILE D 163 -34.46 38.94 7.09
CA ILE D 163 -33.83 40.25 7.07
C ILE D 163 -34.89 41.36 7.12
N GLY D 164 -34.93 42.10 8.22
CA GLY D 164 -35.86 43.21 8.38
C GLY D 164 -37.26 42.74 8.76
N LEU D 165 -37.37 41.47 9.15
CA LEU D 165 -38.63 40.86 9.55
C LEU D 165 -38.61 40.43 11.01
N GLU D 166 -39.78 40.47 11.65
CA GLU D 166 -39.94 39.92 12.98
C GLU D 166 -39.74 38.41 12.90
N PRO D 167 -39.13 37.80 13.94
CA PRO D 167 -39.02 36.35 13.96
C PRO D 167 -40.41 35.73 13.94
N GLY D 168 -40.60 34.71 13.11
CA GLY D 168 -41.89 34.02 13.00
C GLY D 168 -42.71 34.43 11.80
N THR D 169 -42.21 35.40 11.03
CA THR D 169 -42.83 35.84 9.78
C THR D 169 -42.77 34.76 8.71
N VAL D 170 -43.87 34.57 7.98
CA VAL D 170 -43.88 33.63 6.87
C VAL D 170 -43.62 34.37 5.57
N VAL D 171 -42.55 33.99 4.87
CA VAL D 171 -42.21 34.55 3.57
C VAL D 171 -42.62 33.58 2.50
N ILE D 172 -43.40 34.08 1.54
CA ILE D 172 -43.74 33.34 0.33
C ILE D 172 -42.79 33.90 -0.71
N THR D 173 -41.97 33.02 -1.26
CA THR D 173 -40.89 33.41 -2.14
C THR D 173 -41.42 33.80 -3.53
N GLU D 174 -41.02 34.97 -3.99
CA GLU D 174 -41.41 35.45 -5.30
C GLU D 174 -40.34 35.01 -6.29
N GLN D 175 -39.09 35.37 -6.00
CA GLN D 175 -37.94 34.84 -6.74
C GLN D 175 -36.93 34.23 -5.76
N ALA D 176 -36.44 33.04 -6.11
CA ALA D 176 -35.25 32.48 -5.46
C ALA D 176 -34.00 33.09 -6.13
N VAL D 177 -33.14 33.69 -5.33
CA VAL D 177 -32.01 34.44 -5.88
C VAL D 177 -30.67 33.89 -5.41
N ASP D 178 -29.60 34.27 -6.10
CA ASP D 178 -28.24 33.95 -5.68
C ASP D 178 -27.69 34.99 -4.70
N THR D 179 -26.41 34.85 -4.37
CA THR D 179 -25.73 35.69 -3.38
C THR D 179 -25.40 37.06 -3.94
N CYS D 180 -25.72 37.24 -5.22
CA CYS D 180 -25.72 38.53 -5.90
C CYS D 180 -27.13 39.07 -6.13
N PHE D 181 -28.10 38.40 -5.49
CA PHE D 181 -29.52 38.79 -5.44
C PHE D 181 -30.23 38.70 -6.79
N LYS D 182 -29.68 37.89 -7.70
CA LYS D 182 -30.28 37.71 -9.02
C LYS D 182 -31.02 36.38 -9.12
N ALA D 183 -32.16 36.41 -9.81
CA ALA D 183 -33.03 35.24 -9.91
C ALA D 183 -32.44 34.22 -10.89
N GLU D 184 -31.33 33.61 -10.47
CA GLU D 184 -30.59 32.66 -11.28
C GLU D 184 -29.96 31.55 -10.43
N PHE D 185 -29.94 30.36 -11.01
CA PHE D 185 -29.21 29.21 -10.45
C PHE D 185 -28.09 28.75 -11.38
N GLU D 186 -26.87 28.82 -10.87
CA GLU D 186 -25.67 28.34 -11.58
C GLU D 186 -25.26 26.92 -11.14
N GLN D 187 -24.98 26.07 -12.12
CA GLN D 187 -24.29 24.81 -11.84
C GLN D 187 -23.17 24.51 -12.84
N ILE D 188 -22.21 23.67 -12.42
CA ILE D 188 -21.19 23.17 -13.33
C ILE D 188 -21.62 21.83 -13.96
N VAL D 189 -21.70 21.84 -15.29
CA VAL D 189 -21.99 20.65 -16.09
C VAL D 189 -20.80 20.38 -17.06
N LEU D 190 -20.18 19.21 -16.91
CA LEU D 190 -19.00 18.83 -17.69
C LEU D 190 -17.91 19.89 -17.66
N GLY D 191 -17.68 20.48 -16.49
CA GLY D 191 -16.64 21.51 -16.33
C GLY D 191 -17.06 22.93 -16.64
N LYS D 192 -18.24 23.10 -17.23
CA LYS D 192 -18.71 24.40 -17.71
C LYS D 192 -19.85 24.97 -16.85
N ARG D 193 -19.81 26.28 -16.57
CA ARG D 193 -20.92 26.98 -15.91
C ARG D 193 -22.18 26.96 -16.78
N VAL D 194 -23.31 26.64 -16.14
CA VAL D 194 -24.62 26.68 -16.81
C VAL D 194 -25.65 27.37 -15.92
N ILE D 195 -26.18 28.48 -16.43
CA ILE D 195 -27.08 29.32 -15.69
C ILE D 195 -28.51 29.06 -16.14
N ARG D 196 -29.39 28.96 -15.14
CA ARG D 196 -30.81 28.74 -15.35
C ARG D 196 -31.61 29.71 -14.48
N LYS D 197 -32.86 29.97 -14.88
CA LYS D 197 -33.73 30.93 -14.19
C LYS D 197 -34.46 30.30 -13.02
N THR D 198 -34.64 31.06 -11.95
CA THR D 198 -35.42 30.58 -10.80
C THR D 198 -36.90 31.04 -10.88
N ASP D 199 -37.63 30.30 -11.71
CA ASP D 199 -39.04 30.54 -12.00
C ASP D 199 -39.99 29.94 -10.94
N LEU D 200 -40.48 30.78 -10.03
CA LEU D 200 -41.56 30.36 -9.11
C LEU D 200 -42.93 30.83 -9.62
N ASN D 201 -43.89 29.91 -9.65
CA ASN D 201 -45.20 30.15 -10.26
C ASN D 201 -45.96 31.35 -9.64
N LYS D 202 -46.24 32.35 -10.48
CA LYS D 202 -46.74 33.66 -10.02
C LYS D 202 -48.16 33.60 -9.46
N LYS D 203 -49.00 32.78 -10.07
CA LYS D 203 -50.36 32.59 -9.62
C LYS D 203 -50.41 31.85 -8.27
N LEU D 204 -49.64 30.77 -8.16
CA LEU D 204 -49.48 30.01 -6.92
C LEU D 204 -49.09 30.93 -5.78
N VAL D 205 -48.08 31.78 -6.01
CA VAL D 205 -47.66 32.81 -5.06
C VAL D 205 -48.90 33.56 -4.56
N GLN D 206 -49.69 34.00 -5.53
CA GLN D 206 -50.90 34.77 -5.34
C GLN D 206 -51.93 33.99 -4.52
N GLU D 207 -52.18 32.74 -4.93
CA GLU D 207 -53.10 31.89 -4.19
C GLU D 207 -52.71 31.74 -2.72
N LEU D 208 -51.41 31.62 -2.47
CA LEU D 208 -50.91 31.44 -1.10
C LEU D 208 -51.04 32.69 -0.26
N LEU D 209 -50.83 33.83 -0.90
CA LEU D 209 -51.11 35.14 -0.30
C LEU D 209 -52.60 35.32 0.06
N LEU D 210 -53.51 34.99 -0.87
CA LEU D 210 -54.95 34.99 -0.56
C LEU D 210 -55.26 34.11 0.64
N CYS D 211 -54.73 32.88 0.64
CA CYS D 211 -54.94 31.94 1.74
C CYS D 211 -54.48 32.50 3.05
N SER D 212 -53.36 33.20 3.01
CA SER D 212 -52.72 33.70 4.21
C SER D 212 -53.43 34.91 4.77
N ALA D 213 -54.02 35.71 3.86
CA ALA D 213 -54.77 36.92 4.25
C ALA D 213 -56.05 36.52 4.97
N GLU D 214 -56.64 35.41 4.54
CA GLU D 214 -57.85 34.88 5.18
C GLU D 214 -57.58 34.24 6.52
N LEU D 215 -56.50 33.49 6.61
CA LEU D 215 -56.13 32.87 7.88
C LEU D 215 -55.84 33.95 8.91
N SER D 216 -55.06 34.93 8.51
CA SER D 216 -54.61 35.99 9.40
C SER D 216 -54.26 35.42 10.78
N GLU D 217 -53.40 34.40 10.77
CA GLU D 217 -52.90 33.79 12.02
C GLU D 217 -51.48 34.24 12.31
N PHE D 218 -50.84 34.85 11.32
CA PHE D 218 -49.45 35.30 11.44
C PHE D 218 -49.10 36.25 10.31
N THR D 219 -48.13 37.12 10.57
CA THR D 219 -47.51 37.97 9.52
C THR D 219 -47.03 37.11 8.36
N THR D 220 -47.36 37.54 7.15
CA THR D 220 -46.91 36.89 5.93
C THR D 220 -46.49 37.96 4.92
N VAL D 221 -45.31 37.81 4.33
CA VAL D 221 -44.85 38.72 3.30
C VAL D 221 -44.44 37.99 2.03
N VAL D 222 -44.47 38.72 0.93
CA VAL D 222 -44.07 38.23 -0.37
C VAL D 222 -42.74 38.91 -0.63
N GLY D 223 -41.73 38.10 -0.91
CA GLY D 223 -40.38 38.64 -1.05
C GLY D 223 -39.45 37.66 -1.70
N ASN D 224 -38.22 38.13 -1.93
CA ASN D 224 -37.16 37.29 -2.47
C ASN D 224 -36.39 36.54 -1.38
N THR D 225 -35.92 35.37 -1.78
CA THR D 225 -35.23 34.45 -0.87
C THR D 225 -33.84 34.11 -1.42
N MET D 226 -32.84 34.35 -0.58
CA MET D 226 -31.47 34.12 -0.97
C MET D 226 -31.04 32.72 -0.55
N CYS D 227 -30.62 31.94 -1.52
CA CYS D 227 -30.16 30.58 -1.31
C CYS D 227 -28.63 30.58 -1.26
N THR D 228 -28.08 29.89 -0.27
CA THR D 228 -26.64 29.87 -0.04
C THR D 228 -26.13 28.42 0.15
N LEU D 229 -24.83 28.21 -0.02
CA LEU D 229 -24.24 26.87 0.09
C LEU D 229 -23.59 26.59 1.43
N ASP D 230 -23.65 27.56 2.32
CA ASP D 230 -22.99 27.50 3.62
C ASP D 230 -23.82 28.34 4.59
N PHE D 231 -24.02 27.82 5.81
CA PHE D 231 -24.89 28.41 6.81
C PHE D 231 -24.18 29.51 7.61
N TYR D 232 -22.86 29.38 7.77
CA TYR D 232 -22.11 30.30 8.59
C TYR D 232 -21.55 31.45 7.75
N GLU D 233 -20.38 31.25 7.13
CA GLU D 233 -19.80 32.26 6.23
C GLU D 233 -20.65 32.52 4.99
N GLY D 234 -21.44 31.54 4.58
CA GLY D 234 -22.31 31.69 3.42
C GLY D 234 -23.49 32.64 3.65
N GLN D 235 -23.80 32.89 4.92
CA GLN D 235 -24.93 33.74 5.31
C GLN D 235 -24.46 34.94 6.16
N GLY D 236 -23.14 35.07 6.31
CA GLY D 236 -22.53 36.21 6.98
C GLY D 236 -22.56 36.09 8.49
N ARG D 237 -22.70 34.87 9.00
CA ARG D 237 -22.64 34.65 10.44
C ARG D 237 -21.22 34.92 10.95
N LEU D 238 -21.12 35.37 12.21
CA LEU D 238 -19.83 35.69 12.83
C LEU D 238 -19.38 34.59 13.79
N ASP D 239 -20.16 33.51 13.82
CA ASP D 239 -19.96 32.42 14.80
C ASP D 239 -19.64 31.04 14.19
N GLY D 240 -19.11 31.03 12.96
CA GLY D 240 -18.61 29.79 12.37
C GLY D 240 -17.25 29.42 12.92
N ALA D 241 -16.71 28.29 12.46
CA ALA D 241 -15.34 27.90 12.81
C ALA D 241 -14.34 28.82 12.10
N LEU D 242 -14.77 29.38 10.97
CA LEU D 242 -13.99 30.31 10.18
C LEU D 242 -14.79 31.58 9.91
N CYS D 243 -14.10 32.73 9.95
CA CYS D 243 -14.72 34.04 9.66
C CYS D 243 -13.68 35.09 9.28
N SER D 244 -13.87 35.71 8.11
CA SER D 244 -12.90 36.66 7.56
C SER D 244 -13.30 38.13 7.67
N TYR D 245 -14.48 38.39 8.24
CA TYR D 245 -15.11 39.71 8.18
C TYR D 245 -15.65 40.16 9.54
N THR D 246 -16.15 41.39 9.60
CA THR D 246 -16.64 42.01 10.84
C THR D 246 -18.18 42.09 10.93
N GLU D 247 -18.68 42.46 12.11
CA GLU D 247 -20.10 42.76 12.35
C GLU D 247 -20.69 43.78 11.38
N LYS D 248 -19.90 44.79 11.03
CA LYS D 248 -20.30 45.82 10.06
C LYS D 248 -20.33 45.30 8.62
N ASP D 249 -19.44 44.35 8.31
CA ASP D 249 -19.34 43.79 6.96
C ASP D 249 -20.57 42.96 6.64
N LYS D 250 -20.96 42.14 7.62
CA LYS D 250 -22.19 41.37 7.62
C LYS D 250 -23.38 42.32 7.44
N GLN D 251 -23.45 43.34 8.28
CA GLN D 251 -24.58 44.27 8.27
C GLN D 251 -24.75 44.97 6.94
N ALA D 252 -23.65 45.37 6.31
CA ALA D 252 -23.68 45.99 4.99
C ALA D 252 -24.19 45.05 3.93
N TYR D 253 -23.88 43.76 4.05
CA TYR D 253 -24.26 42.77 3.04
C TYR D 253 -25.75 42.44 3.14
N LEU D 254 -26.24 42.30 4.37
CA LEU D 254 -27.65 42.10 4.65
C LEU D 254 -28.46 43.33 4.21
N GLU D 255 -28.00 44.52 4.61
CA GLU D 255 -28.63 45.77 4.19
C GLU D 255 -28.69 45.86 2.68
N ALA D 256 -27.66 45.33 2.02
CA ALA D 256 -27.63 45.30 0.57
C ALA D 256 -28.58 44.25 -0.01
N ALA D 257 -28.76 43.13 0.71
CA ALA D 257 -29.70 42.10 0.31
C ALA D 257 -31.15 42.63 0.33
N TYR D 258 -31.53 43.27 1.45
CA TYR D 258 -32.84 43.87 1.68
C TYR D 258 -33.26 44.86 0.59
N ALA D 259 -32.34 45.76 0.21
CA ALA D 259 -32.59 46.73 -0.88
C ALA D 259 -32.90 46.07 -2.21
N ALA D 260 -32.24 44.95 -2.46
CA ALA D 260 -32.44 44.20 -3.69
C ALA D 260 -33.76 43.43 -3.64
N GLY D 261 -34.38 43.44 -2.47
CA GLY D 261 -35.73 42.85 -2.28
C GLY D 261 -35.73 41.56 -1.46
N VAL D 262 -34.61 41.27 -0.80
CA VAL D 262 -34.46 40.00 -0.08
C VAL D 262 -35.03 40.05 1.34
N ARG D 263 -35.86 39.07 1.65
CA ARG D 263 -36.56 39.09 2.91
C ARG D 263 -36.10 37.93 3.78
N ASN D 264 -35.55 36.89 3.15
CA ASN D 264 -35.09 35.71 3.88
C ASN D 264 -33.96 34.88 3.23
N ILE D 265 -33.18 34.20 4.08
CA ILE D 265 -32.07 33.37 3.64
C ILE D 265 -32.24 31.93 4.12
N GLU D 266 -32.19 30.99 3.19
CA GLU D 266 -32.20 29.56 3.48
C GLU D 266 -31.30 28.86 2.47
N MET D 267 -31.49 27.56 2.24
CA MET D 267 -30.47 26.75 1.56
C MET D 267 -30.91 25.78 0.48
N GLU D 268 -32.18 25.82 0.06
CA GLU D 268 -32.67 24.85 -0.92
C GLU D 268 -33.49 25.39 -2.09
N SER D 269 -33.86 26.67 -2.06
CA SER D 269 -34.86 27.18 -3.00
C SER D 269 -34.41 27.40 -4.45
N SER D 270 -33.15 27.76 -4.65
CA SER D 270 -32.67 28.15 -5.99
C SER D 270 -32.76 26.99 -6.98
N VAL D 271 -32.19 25.85 -6.62
CA VAL D 271 -32.26 24.66 -7.47
C VAL D 271 -33.70 24.15 -7.61
N PHE D 272 -34.46 24.21 -6.52
CA PHE D 272 -35.85 23.82 -6.50
C PHE D 272 -36.65 24.60 -7.56
N ALA D 273 -36.52 25.93 -7.49
CA ALA D 273 -37.18 26.85 -8.41
C ALA D 273 -36.71 26.61 -9.84
N ALA D 274 -35.42 26.31 -10.01
CA ALA D 274 -34.84 26.10 -11.33
C ALA D 274 -35.27 24.78 -11.97
N MET D 275 -35.49 23.75 -11.17
CA MET D 275 -35.79 22.44 -11.74
C MET D 275 -37.27 22.22 -12.06
N CYS D 276 -38.13 22.57 -11.11
CA CYS D 276 -39.56 22.28 -11.18
C CYS D 276 -40.26 22.89 -12.40
N SER D 277 -40.03 24.19 -12.63
CA SER D 277 -40.67 24.92 -13.72
C SER D 277 -40.26 24.35 -15.07
N ALA D 278 -38.96 24.13 -15.24
CA ALA D 278 -38.40 23.45 -16.40
C ALA D 278 -39.14 22.15 -16.70
N CYS D 279 -39.56 21.44 -15.66
CA CYS D 279 -40.17 20.12 -15.82
C CYS D 279 -41.71 20.14 -15.76
N GLY D 280 -42.29 21.34 -15.76
CA GLY D 280 -43.75 21.52 -15.85
C GLY D 280 -44.50 21.36 -14.54
N LEU D 281 -43.80 21.64 -13.44
CA LEU D 281 -44.42 21.65 -12.11
C LEU D 281 -44.64 23.10 -11.67
N GLN D 282 -45.76 23.34 -11.02
CA GLN D 282 -46.02 24.65 -10.46
C GLN D 282 -45.44 24.66 -9.05
N ALA D 283 -44.42 25.49 -8.85
CA ALA D 283 -43.65 25.45 -7.62
C ALA D 283 -43.71 26.73 -6.80
N ALA D 284 -43.69 26.58 -5.48
CA ALA D 284 -43.65 27.69 -4.55
C ALA D 284 -42.75 27.37 -3.37
N VAL D 285 -42.18 28.40 -2.77
CA VAL D 285 -41.41 28.22 -1.55
C VAL D 285 -42.09 29.01 -0.44
N VAL D 286 -42.33 28.34 0.68
CA VAL D 286 -42.92 28.97 1.86
C VAL D 286 -42.06 28.65 3.08
N CYS D 287 -41.37 29.66 3.61
CA CYS D 287 -40.48 29.47 4.75
C CYS D 287 -40.84 30.42 5.86
N VAL D 288 -40.66 29.97 7.10
CA VAL D 288 -40.79 30.83 8.26
C VAL D 288 -39.41 31.35 8.68
N THR D 289 -39.39 32.52 9.31
CA THR D 289 -38.12 33.10 9.77
C THR D 289 -37.93 32.75 11.22
N LEU D 290 -36.70 32.45 11.61
CA LEU D 290 -36.43 32.00 12.98
C LEU D 290 -35.68 33.05 13.80
N LEU D 291 -35.28 34.12 13.13
CA LEU D 291 -34.55 35.21 13.76
C LEU D 291 -34.46 36.35 12.76
N ASN D 292 -34.21 37.55 13.24
CA ASN D 292 -33.88 38.67 12.36
C ASN D 292 -32.37 38.73 12.26
N ARG D 293 -31.85 38.46 11.06
CA ARG D 293 -30.42 38.46 10.82
C ARG D 293 -29.77 39.83 11.02
N LEU D 294 -30.55 40.91 10.91
CA LEU D 294 -30.03 42.25 11.23
C LEU D 294 -29.66 42.39 12.70
N GLU D 295 -30.30 41.60 13.55
CA GLU D 295 -30.11 41.69 15.00
C GLU D 295 -29.18 40.64 15.64
N GLY D 296 -28.89 39.56 14.91
CA GLY D 296 -28.10 38.47 15.49
C GLY D 296 -27.82 37.30 14.56
N ASP D 297 -27.03 36.34 15.07
CA ASP D 297 -26.61 35.19 14.27
C ASP D 297 -27.17 33.90 14.87
N GLN D 298 -27.16 33.86 16.19
CA GLN D 298 -27.49 32.67 16.96
C GLN D 298 -28.99 32.43 16.94
N ILE D 299 -29.37 31.17 16.76
CA ILE D 299 -30.78 30.79 16.83
C ILE D 299 -31.09 30.42 18.29
N SER D 300 -31.43 31.45 19.06
CA SER D 300 -31.52 31.37 20.51
C SER D 300 -32.91 31.49 21.12
N SER D 301 -33.94 31.56 20.28
CA SER D 301 -35.33 31.52 20.74
C SER D 301 -35.58 30.23 21.55
N PRO D 302 -36.49 30.28 22.54
CA PRO D 302 -36.87 29.05 23.24
C PRO D 302 -37.38 28.01 22.24
N ARG D 303 -36.98 26.75 22.37
CA ARG D 303 -37.36 25.74 21.38
C ARG D 303 -38.86 25.45 21.27
N ASN D 304 -39.62 25.91 22.26
CA ASN D 304 -41.09 25.92 22.20
C ASN D 304 -41.58 26.93 21.16
N VAL D 305 -40.94 28.09 21.18
CA VAL D 305 -41.23 29.20 20.27
C VAL D 305 -40.91 28.77 18.84
N LEU D 306 -39.69 28.25 18.66
CA LEU D 306 -39.17 27.81 17.37
C LEU D 306 -40.03 26.75 16.69
N SER D 307 -40.68 25.92 17.51
CA SER D 307 -41.52 24.83 17.03
C SER D 307 -42.93 25.29 16.65
N GLU D 308 -43.46 26.30 17.35
CA GLU D 308 -44.69 26.97 16.90
C GLU D 308 -44.44 27.63 15.55
N TYR D 309 -43.30 28.33 15.42
CA TYR D 309 -42.91 28.99 14.16
C TYR D 309 -42.89 28.01 13.01
N GLN D 310 -42.29 26.85 13.25
CA GLN D 310 -42.11 25.81 12.22
C GLN D 310 -43.41 25.12 11.75
N GLN D 311 -44.47 25.23 12.56
CA GLN D 311 -45.81 24.76 12.13
C GLN D 311 -46.51 25.74 11.21
N ARG D 312 -46.05 26.99 11.20
CA ARG D 312 -46.71 28.04 10.43
C ARG D 312 -46.74 27.77 8.90
N PRO D 313 -45.58 27.44 8.28
CA PRO D 313 -45.63 27.09 6.85
C PRO D 313 -46.50 25.88 6.56
N GLN D 314 -46.50 24.89 7.45
CA GLN D 314 -47.35 23.71 7.33
C GLN D 314 -48.84 24.07 7.38
N ARG D 315 -49.19 24.97 8.29
CA ARG D 315 -50.55 25.46 8.47
C ARG D 315 -51.08 26.11 7.16
N LEU D 316 -50.29 27.02 6.58
CA LEU D 316 -50.63 27.70 5.34
C LEU D 316 -50.80 26.75 4.16
N VAL D 317 -49.88 25.82 4.01
CA VAL D 317 -49.85 24.95 2.83
C VAL D 317 -50.90 23.83 2.87
N SER D 318 -51.22 23.31 4.06
CA SER D 318 -52.30 22.31 4.18
C SER D 318 -53.66 22.97 3.92
N TYR D 319 -53.87 24.12 4.55
CA TYR D 319 -55.02 25.00 4.29
C TYR D 319 -55.18 25.31 2.81
N PHE D 320 -54.11 25.79 2.18
CA PHE D 320 -54.15 25.99 0.75
C PHE D 320 -54.56 24.72 -0.02
N ILE D 321 -54.02 23.56 0.36
CA ILE D 321 -54.30 22.32 -0.37
C ILE D 321 -55.76 21.90 -0.18
N LYS D 322 -56.25 22.01 1.05
CA LYS D 322 -57.66 21.78 1.36
C LYS D 322 -58.56 22.65 0.48
N LYS D 323 -58.30 23.96 0.49
CA LYS D 323 -59.07 24.92 -0.28
C LYS D 323 -59.07 24.50 -1.76
N LYS D 324 -57.90 24.18 -2.29
CA LYS D 324 -57.78 23.76 -3.69
C LYS D 324 -58.61 22.51 -4.03
N LEU D 325 -58.71 21.59 -3.08
CA LEU D 325 -59.47 20.35 -3.27
C LEU D 325 -60.92 20.41 -2.75
N SER D 326 -61.42 21.61 -2.49
CA SER D 326 -62.84 21.76 -2.12
C SER D 326 -63.50 22.94 -2.83
#